data_1LL7
#
_entry.id   1LL7
#
_cell.length_a   90.330
_cell.length_b   90.330
_cell.length_c   95.630
_cell.angle_alpha   90.00
_cell.angle_beta   90.00
_cell.angle_gamma   90.00
#
_symmetry.space_group_name_H-M   'P 43'
#
loop_
_entity.id
_entity.type
_entity.pdbx_description
1 polymer 'CHITINASE 1'
2 water water
#
_entity_poly.entity_id   1
_entity_poly.type   'polypeptide(L)'
_entity_poly.pdbx_seq_one_letter_code
;GGFRSVVYFVNWAIYGRGHNPQDLKADQFTHILYAFANIRPSGEVYLSDTWADTDKHYPGDKWDEPGNNVYGCIKQMYLL
KKNNRNLKTLLSIGGWTYSPNFKTPASTEEGRKKFADTSLKLMKDLGFDGIDIDWQYPEDEKQANDFVLLLKACREALDA
YSAKHPNGKKFLLTIASPAGPQNYNKLKLAEMDKYLDFWNLMAYDFSGSWDKVSGHMSNVFPSTTKPESTPFSSDKAVKD
YIKAGVPANKIVLGMPLYGRAFASTDGIGTSFNGVGGGSWENGVWDYKDMPQQGAQVTELEDIAASYSYDKNKRYLISYD
TVKIAGKKAEYITKNGMGGGMWWESSSDKTGNESLVGTVVNGLGGTGKLEQRENELSYPESVYDNLKNGMPS
;
_entity_poly.pdbx_strand_id   A,B
#
# COMPACT_ATOMS: atom_id res chain seq x y z
N GLY A 1 -20.92 36.17 1.83
CA GLY A 1 -20.44 36.25 3.21
C GLY A 1 -18.96 35.89 3.10
N GLY A 2 -18.20 35.62 4.16
CA GLY A 2 -16.81 35.20 3.93
C GLY A 2 -16.79 33.77 3.41
N PHE A 3 -15.61 33.25 3.10
CA PHE A 3 -15.44 31.89 2.62
C PHE A 3 -15.37 30.89 3.77
N ARG A 4 -15.90 29.71 3.55
CA ARG A 4 -15.80 28.60 4.51
C ARG A 4 -14.64 27.64 4.21
N SER A 5 -14.03 27.13 5.28
CA SER A 5 -12.96 26.15 5.20
C SER A 5 -13.47 24.99 6.04
N VAL A 6 -13.81 23.88 5.39
CA VAL A 6 -14.51 22.77 6.04
C VAL A 6 -13.63 21.49 5.99
N VAL A 7 -13.40 20.77 7.10
CA VAL A 7 -12.62 19.53 7.00
C VAL A 7 -13.33 18.42 7.76
N TYR A 8 -13.11 17.22 7.24
CA TYR A 8 -13.61 16.02 7.87
C TYR A 8 -12.54 15.48 8.81
N PHE A 9 -12.91 15.30 10.07
CA PHE A 9 -12.06 14.59 11.01
C PHE A 9 -12.81 13.26 11.17
N VAL A 10 -12.05 12.20 10.85
CA VAL A 10 -12.52 10.84 10.80
C VAL A 10 -12.17 10.15 12.12
N ASN A 11 -13.12 9.55 12.85
CA ASN A 11 -12.79 9.06 14.20
C ASN A 11 -11.89 7.82 14.22
N TRP A 12 -11.74 7.10 13.09
CA TRP A 12 -10.77 6.00 13.09
C TRP A 12 -9.34 6.54 12.86
N ALA A 13 -9.11 7.84 12.62
CA ALA A 13 -7.77 8.36 12.41
C ALA A 13 -6.82 8.24 13.60
N ILE A 14 -7.40 8.09 14.80
CA ILE A 14 -6.65 8.02 16.05
C ILE A 14 -5.94 6.69 16.22
N TYR A 15 -6.19 5.72 15.34
CA TYR A 15 -5.54 4.42 15.46
C TYR A 15 -4.28 4.38 14.60
N GLY A 16 -4.23 3.52 13.56
CA GLY A 16 -3.05 3.33 12.71
C GLY A 16 -2.52 4.64 12.17
N ARG A 17 -3.39 5.62 11.84
CA ARG A 17 -2.89 6.87 11.28
C ARG A 17 -2.24 7.80 12.30
N GLY A 18 -2.51 7.58 13.59
CA GLY A 18 -1.91 8.40 14.66
C GLY A 18 -2.31 9.87 14.61
N HIS A 19 -3.51 10.19 14.15
CA HIS A 19 -3.90 11.59 14.02
C HIS A 19 -4.98 11.84 15.04
N ASN A 20 -4.68 12.74 15.94
CA ASN A 20 -5.62 13.15 16.96
C ASN A 20 -6.13 14.57 16.70
N PRO A 21 -7.24 15.02 17.32
CA PRO A 21 -7.81 16.34 17.04
C PRO A 21 -6.83 17.47 17.40
N GLN A 22 -5.95 17.21 18.39
CA GLN A 22 -4.93 18.13 18.84
C GLN A 22 -3.96 18.49 17.75
N ASP A 23 -3.86 17.67 16.71
CA ASP A 23 -2.93 17.94 15.62
C ASP A 23 -3.49 18.88 14.55
N LEU A 24 -4.75 19.29 14.70
CA LEU A 24 -5.40 20.15 13.71
C LEU A 24 -4.92 21.58 13.84
N LYS A 25 -4.49 22.20 12.73
CA LYS A 25 -4.19 23.61 12.78
C LYS A 25 -5.57 24.30 12.79
N ALA A 26 -6.15 24.41 13.98
CA ALA A 26 -7.50 24.95 14.14
C ALA A 26 -7.75 26.28 13.47
N ASP A 27 -6.80 27.19 13.44
CA ASP A 27 -7.03 28.49 12.84
C ASP A 27 -7.21 28.47 11.32
N GLN A 28 -7.06 27.35 10.58
CA GLN A 28 -7.32 27.45 9.15
C GLN A 28 -8.68 26.91 8.76
N PHE A 29 -9.54 26.53 9.69
CA PHE A 29 -10.83 25.99 9.36
C PHE A 29 -11.94 26.78 10.06
N THR A 30 -13.11 26.75 9.46
CA THR A 30 -14.28 27.35 10.08
C THR A 30 -15.19 26.23 10.59
N HIS A 31 -15.06 25.01 10.04
CA HIS A 31 -15.99 23.93 10.34
C HIS A 31 -15.28 22.58 10.27
N ILE A 32 -15.48 21.76 11.30
CA ILE A 32 -14.96 20.40 11.41
C ILE A 32 -16.18 19.51 11.46
N LEU A 33 -16.17 18.51 10.60
CA LEU A 33 -17.23 17.52 10.56
C LEU A 33 -16.63 16.27 11.18
N TYR A 34 -17.31 15.78 12.21
CA TYR A 34 -16.85 14.64 12.97
C TYR A 34 -17.60 13.40 12.44
N ALA A 35 -16.82 12.53 11.80
CA ALA A 35 -17.38 11.38 11.10
C ALA A 35 -16.97 10.05 11.76
N PHE A 36 -17.88 9.09 11.85
CA PHE A 36 -19.24 9.21 11.34
C PHE A 36 -20.19 8.61 12.37
N ALA A 37 -21.36 9.18 12.64
CA ALA A 37 -22.33 8.52 13.50
C ALA A 37 -23.07 7.50 12.62
N ASN A 38 -23.66 6.49 13.25
CA ASN A 38 -24.39 5.49 12.52
C ASN A 38 -25.90 5.60 12.85
N ILE A 39 -26.77 4.87 12.13
CA ILE A 39 -28.21 4.96 12.27
C ILE A 39 -28.75 3.57 12.50
N ARG A 40 -29.61 3.49 13.50
CA ARG A 40 -30.32 2.27 13.91
C ARG A 40 -31.53 2.12 13.00
N PRO A 41 -32.13 0.93 12.81
CA PRO A 41 -33.34 0.75 12.02
C PRO A 41 -34.49 1.59 12.54
N SER A 42 -34.53 1.88 13.83
CA SER A 42 -35.55 2.75 14.42
C SER A 42 -35.46 4.20 13.94
N GLY A 43 -34.32 4.62 13.39
CA GLY A 43 -34.05 6.01 13.12
C GLY A 43 -33.09 6.56 14.18
N GLU A 44 -32.84 5.83 15.30
CA GLU A 44 -31.97 6.35 16.34
C GLU A 44 -30.56 6.51 15.83
N VAL A 45 -29.98 7.69 16.00
CA VAL A 45 -28.61 7.93 15.62
C VAL A 45 -27.75 7.65 16.85
N TYR A 46 -26.60 7.03 16.64
CA TYR A 46 -25.69 6.72 17.73
C TYR A 46 -24.22 6.84 17.32
N LEU A 47 -23.34 6.96 18.29
CA LEU A 47 -21.94 7.15 18.02
C LEU A 47 -21.31 5.81 17.62
N SER A 48 -20.50 5.82 16.57
CA SER A 48 -19.97 4.57 16.05
C SER A 48 -18.85 3.96 16.87
N ASP A 49 -18.14 4.73 17.68
CA ASP A 49 -17.02 4.16 18.42
C ASP A 49 -16.87 4.91 19.73
N THR A 50 -17.47 4.42 20.81
CA THR A 50 -17.42 5.15 22.08
C THR A 50 -16.03 5.28 22.70
N TRP A 51 -15.10 4.37 22.34
CA TRP A 51 -13.72 4.45 22.79
C TRP A 51 -13.10 5.72 22.24
N ALA A 52 -12.98 5.84 20.91
CA ALA A 52 -12.47 7.03 20.26
C ALA A 52 -13.29 8.28 20.56
N ASP A 53 -14.62 8.13 20.51
CA ASP A 53 -15.52 9.28 20.62
C ASP A 53 -15.60 9.86 22.00
N THR A 54 -15.82 9.05 23.02
CA THR A 54 -16.03 9.55 24.37
C THR A 54 -15.17 9.03 25.52
N ASP A 55 -14.57 7.84 25.42
CA ASP A 55 -13.95 7.21 26.57
C ASP A 55 -12.44 7.34 26.79
N LYS A 56 -11.67 7.28 25.70
CA LYS A 56 -10.22 7.39 25.77
C LYS A 56 -9.83 8.71 26.43
N HIS A 57 -8.95 8.56 27.41
CA HIS A 57 -8.41 9.71 28.09
C HIS A 57 -7.15 10.13 27.35
N TYR A 58 -6.99 11.44 27.26
CA TYR A 58 -5.85 12.07 26.65
C TYR A 58 -5.12 12.75 27.81
N PRO A 59 -3.82 13.16 27.68
CA PRO A 59 -3.09 13.94 28.68
C PRO A 59 -3.94 15.16 29.01
N GLY A 60 -4.19 15.33 30.29
CA GLY A 60 -5.01 16.40 30.83
C GLY A 60 -6.33 15.85 31.35
N ASP A 61 -6.80 14.70 30.88
CA ASP A 61 -8.06 14.16 31.34
C ASP A 61 -7.86 13.37 32.61
N LYS A 62 -8.48 13.89 33.66
CA LYS A 62 -8.45 13.27 34.99
C LYS A 62 -9.27 11.98 35.06
N TRP A 63 -8.94 11.14 36.03
CA TRP A 63 -9.61 9.86 36.22
C TRP A 63 -10.68 9.89 37.30
N ASP A 64 -10.46 10.84 38.20
CA ASP A 64 -11.19 11.00 39.44
C ASP A 64 -12.29 12.08 39.41
N GLU A 65 -12.59 12.68 38.27
CA GLU A 65 -13.55 13.79 38.22
C GLU A 65 -14.95 13.44 38.70
N PRO A 66 -15.46 14.23 39.66
CA PRO A 66 -16.85 14.20 40.07
C PRO A 66 -17.84 14.31 38.91
N GLY A 67 -18.91 13.53 38.98
CA GLY A 67 -19.96 13.59 38.00
C GLY A 67 -19.63 12.80 36.74
N ASN A 68 -20.61 12.85 35.86
CA ASN A 68 -20.65 12.14 34.60
C ASN A 68 -19.91 12.96 33.55
N ASN A 69 -18.78 12.45 33.04
CA ASN A 69 -17.93 13.28 32.21
C ASN A 69 -17.59 12.74 30.84
N VAL A 70 -17.37 13.55 29.81
CA VAL A 70 -16.98 13.06 28.51
C VAL A 70 -15.51 13.34 28.26
N TYR A 71 -14.90 12.38 27.56
CA TYR A 71 -13.51 12.48 27.21
C TYR A 71 -13.44 12.22 25.70
N GLY A 72 -12.52 11.36 25.22
CA GLY A 72 -12.34 11.04 23.82
C GLY A 72 -12.07 12.29 22.96
N CYS A 73 -12.28 12.04 21.68
CA CYS A 73 -12.14 13.08 20.70
C CYS A 73 -13.22 14.13 20.85
N ILE A 74 -14.43 13.83 21.36
CA ILE A 74 -15.47 14.86 21.60
C ILE A 74 -14.88 15.93 22.52
N LYS A 75 -14.24 15.60 23.65
CA LYS A 75 -13.71 16.62 24.51
C LYS A 75 -12.69 17.51 23.81
N GLN A 76 -11.84 16.87 23.03
CA GLN A 76 -10.79 17.58 22.32
C GLN A 76 -11.38 18.55 21.33
N MET A 77 -12.46 18.16 20.64
CA MET A 77 -13.17 19.05 19.72
C MET A 77 -13.69 20.26 20.50
N TYR A 78 -14.30 20.08 21.68
CA TYR A 78 -14.75 21.22 22.49
C TYR A 78 -13.60 22.15 22.89
N LEU A 79 -12.44 21.59 23.25
CA LEU A 79 -11.26 22.38 23.58
C LEU A 79 -10.89 23.29 22.42
N LEU A 80 -10.94 22.74 21.19
CA LEU A 80 -10.61 23.53 20.03
C LEU A 80 -11.57 24.72 19.92
N LYS A 81 -12.87 24.44 20.09
CA LYS A 81 -13.93 25.46 20.07
C LYS A 81 -13.60 26.56 21.07
N LYS A 82 -13.29 26.22 22.33
CA LYS A 82 -12.95 27.17 23.37
C LYS A 82 -11.86 28.14 22.97
N ASN A 83 -10.89 27.59 22.27
CA ASN A 83 -9.70 28.31 21.90
C ASN A 83 -9.83 29.04 20.58
N ASN A 84 -10.79 28.66 19.74
CA ASN A 84 -11.02 29.35 18.48
C ASN A 84 -12.53 29.45 18.35
N ARG A 85 -12.94 30.64 18.71
CA ARG A 85 -14.35 30.97 18.71
C ARG A 85 -14.96 30.99 17.31
N ASN A 86 -14.15 31.03 16.25
CA ASN A 86 -14.68 30.97 14.91
C ASN A 86 -14.70 29.53 14.40
N LEU A 87 -14.34 28.57 15.24
CA LEU A 87 -14.34 27.20 14.79
C LEU A 87 -15.65 26.52 15.19
N LYS A 88 -16.40 26.04 14.23
CA LYS A 88 -17.61 25.28 14.51
C LYS A 88 -17.43 23.77 14.29
N THR A 89 -18.13 22.91 15.04
CA THR A 89 -18.04 21.46 14.91
C THR A 89 -19.43 20.91 14.56
N LEU A 90 -19.52 19.92 13.69
CA LEU A 90 -20.79 19.33 13.34
C LEU A 90 -20.62 17.82 13.43
N LEU A 91 -21.72 17.16 13.83
CA LEU A 91 -21.78 15.72 13.97
C LEU A 91 -22.18 15.21 12.58
N SER A 92 -21.30 14.43 11.93
CA SER A 92 -21.60 13.94 10.62
C SER A 92 -22.12 12.52 10.78
N ILE A 93 -23.26 12.29 10.13
CA ILE A 93 -24.03 11.07 10.20
C ILE A 93 -24.08 10.43 8.81
N GLY A 94 -23.74 9.14 8.80
CA GLY A 94 -23.78 8.35 7.59
C GLY A 94 -22.41 8.01 7.01
N GLY A 95 -22.17 8.46 5.78
CA GLY A 95 -20.95 8.16 5.04
C GLY A 95 -21.17 6.88 4.26
N TRP A 96 -20.18 6.51 3.46
CA TRP A 96 -20.28 5.36 2.57
C TRP A 96 -20.70 4.05 3.21
N THR A 97 -19.99 3.59 4.23
CA THR A 97 -20.28 2.33 4.88
C THR A 97 -21.69 2.32 5.48
N TYR A 98 -22.02 3.41 6.17
CA TYR A 98 -23.28 3.52 6.89
C TYR A 98 -24.49 3.93 6.07
N SER A 99 -24.36 4.47 4.85
CA SER A 99 -25.53 4.90 4.07
C SER A 99 -26.64 3.88 3.78
N PRO A 100 -26.44 2.57 3.57
CA PRO A 100 -27.51 1.56 3.59
C PRO A 100 -28.61 1.75 4.64
N ASN A 101 -28.19 2.27 5.80
CA ASN A 101 -29.04 2.43 6.95
C ASN A 101 -30.05 3.56 6.93
N PHE A 102 -29.99 4.41 5.91
CA PHE A 102 -30.88 5.54 5.85
C PHE A 102 -32.30 5.19 5.41
N LYS A 103 -32.41 4.30 4.42
CA LYS A 103 -33.67 4.05 3.73
C LYS A 103 -34.86 3.74 4.63
N THR A 104 -34.71 2.79 5.56
CA THR A 104 -35.83 2.40 6.37
C THR A 104 -36.23 3.49 7.37
N PRO A 105 -35.43 4.07 8.27
CA PRO A 105 -35.87 5.17 9.12
C PRO A 105 -36.42 6.33 8.31
N ALA A 106 -35.78 6.62 7.18
CA ALA A 106 -36.20 7.73 6.37
C ALA A 106 -37.58 7.54 5.73
N SER A 107 -38.00 6.29 5.48
CA SER A 107 -39.29 6.10 4.87
C SER A 107 -40.51 6.39 5.75
N THR A 108 -40.43 6.56 7.07
CA THR A 108 -41.64 6.85 7.80
C THR A 108 -41.42 8.08 8.65
N GLU A 109 -42.57 8.68 8.99
CA GLU A 109 -42.61 9.86 9.82
C GLU A 109 -42.08 9.57 11.24
N GLU A 110 -42.30 8.33 11.71
CA GLU A 110 -41.84 7.94 13.03
C GLU A 110 -40.32 7.87 13.01
N GLY A 111 -39.85 7.26 11.91
CA GLY A 111 -38.41 7.06 11.70
C GLY A 111 -37.66 8.38 11.61
N ARG A 112 -38.25 9.27 10.81
CA ARG A 112 -37.71 10.61 10.64
C ARG A 112 -37.67 11.38 11.94
N LYS A 113 -38.72 11.36 12.77
CA LYS A 113 -38.65 12.06 14.05
C LYS A 113 -37.63 11.41 14.99
N LYS A 114 -37.50 10.06 15.03
CA LYS A 114 -36.51 9.40 15.88
C LYS A 114 -35.12 9.91 15.48
N PHE A 115 -34.81 9.92 14.18
CA PHE A 115 -33.58 10.47 13.66
C PHE A 115 -33.37 11.92 14.18
N ALA A 116 -34.33 12.81 13.93
CA ALA A 116 -34.23 14.19 14.36
C ALA A 116 -34.00 14.37 15.85
N ASP A 117 -34.77 13.65 16.68
CA ASP A 117 -34.67 13.80 18.12
C ASP A 117 -33.36 13.24 18.63
N THR A 118 -32.96 12.05 18.19
CA THR A 118 -31.72 11.45 18.62
C THR A 118 -30.50 12.23 18.12
N SER A 119 -30.56 12.84 16.93
CA SER A 119 -29.42 13.58 16.45
C SER A 119 -29.34 14.88 17.23
N LEU A 120 -30.49 15.48 17.60
CA LEU A 120 -30.44 16.72 18.37
C LEU A 120 -29.87 16.41 19.74
N LYS A 121 -30.29 15.30 20.31
CA LYS A 121 -29.82 14.86 21.61
C LYS A 121 -28.28 14.77 21.69
N LEU A 122 -27.71 14.13 20.65
CA LEU A 122 -26.28 13.97 20.52
C LEU A 122 -25.62 15.35 20.41
N MET A 123 -26.18 16.24 19.57
CA MET A 123 -25.64 17.55 19.32
C MET A 123 -25.52 18.36 20.62
N LYS A 124 -26.61 18.44 21.37
CA LYS A 124 -26.62 19.27 22.59
C LYS A 124 -25.89 18.58 23.74
N ASP A 125 -25.77 17.26 23.76
CA ASP A 125 -24.99 16.65 24.83
C ASP A 125 -23.49 16.75 24.60
N LEU A 126 -23.06 16.63 23.34
CA LEU A 126 -21.64 16.57 23.05
C LEU A 126 -21.03 17.88 22.60
N GLY A 127 -21.77 18.99 22.56
CA GLY A 127 -21.19 20.28 22.30
C GLY A 127 -20.99 20.67 20.86
N PHE A 128 -21.80 20.20 19.92
CA PHE A 128 -21.61 20.53 18.51
C PHE A 128 -22.50 21.71 18.06
N ASP A 129 -22.01 22.41 17.05
CA ASP A 129 -22.73 23.50 16.43
C ASP A 129 -23.77 23.10 15.37
N GLY A 130 -23.93 21.80 15.06
CA GLY A 130 -24.90 21.32 14.11
C GLY A 130 -24.64 19.86 13.74
N ILE A 131 -25.35 19.42 12.69
CA ILE A 131 -25.25 18.06 12.17
C ILE A 131 -25.17 18.14 10.64
N ASP A 132 -24.43 17.15 10.12
CA ASP A 132 -24.17 17.02 8.70
C ASP A 132 -24.66 15.62 8.34
N ILE A 133 -25.46 15.51 7.28
CA ILE A 133 -26.01 14.22 6.90
C ILE A 133 -25.43 13.86 5.55
N ASP A 134 -24.86 12.64 5.51
CA ASP A 134 -24.21 12.11 4.33
C ASP A 134 -24.83 10.79 3.96
N TRP A 135 -25.91 10.90 3.18
CA TRP A 135 -26.63 9.78 2.62
C TRP A 135 -26.03 9.73 1.22
N GLN A 136 -25.33 8.64 0.95
CA GLN A 136 -24.64 8.41 -0.31
C GLN A 136 -25.08 7.04 -0.85
N TYR A 137 -26.10 7.01 -1.70
CA TYR A 137 -26.82 8.19 -2.16
C TYR A 137 -28.31 7.84 -2.20
N PRO A 138 -29.32 8.71 -2.12
CA PRO A 138 -30.75 8.36 -2.39
C PRO A 138 -30.89 7.69 -3.77
N GLU A 139 -31.28 6.41 -3.73
CA GLU A 139 -31.37 5.56 -4.92
C GLU A 139 -32.40 5.99 -5.96
N ASP A 140 -33.46 6.70 -5.54
CA ASP A 140 -34.53 7.05 -6.45
C ASP A 140 -35.33 8.22 -5.91
N GLU A 141 -36.28 8.66 -6.70
CA GLU A 141 -37.21 9.69 -6.31
C GLU A 141 -37.89 9.46 -4.97
N LYS A 142 -38.44 8.28 -4.61
CA LYS A 142 -39.09 8.14 -3.29
C LYS A 142 -38.11 8.53 -2.15
N GLN A 143 -36.97 7.87 -2.19
CA GLN A 143 -35.91 8.13 -1.25
C GLN A 143 -35.51 9.61 -1.25
N ALA A 144 -35.43 10.22 -2.43
CA ALA A 144 -35.06 11.61 -2.52
C ALA A 144 -36.10 12.46 -1.77
N ASN A 145 -37.37 12.08 -1.92
CA ASN A 145 -38.45 12.81 -1.27
C ASN A 145 -38.36 12.63 0.23
N ASP A 146 -38.10 11.38 0.67
CA ASP A 146 -37.94 11.10 2.08
C ASP A 146 -36.78 11.92 2.61
N PHE A 147 -35.72 12.13 1.80
CA PHE A 147 -34.55 12.83 2.28
C PHE A 147 -34.94 14.28 2.56
N VAL A 148 -35.79 14.87 1.70
CA VAL A 148 -36.28 16.25 1.92
C VAL A 148 -37.04 16.29 3.25
N LEU A 149 -37.92 15.31 3.48
CA LEU A 149 -38.64 15.22 4.75
C LEU A 149 -37.73 15.05 5.98
N LEU A 150 -36.65 14.30 5.81
CA LEU A 150 -35.68 14.07 6.86
C LEU A 150 -35.02 15.40 7.22
N LEU A 151 -34.65 16.15 6.18
CA LEU A 151 -34.05 17.46 6.40
C LEU A 151 -34.99 18.42 7.14
N LYS A 152 -36.26 18.45 6.71
CA LYS A 152 -37.27 19.26 7.36
C LYS A 152 -37.35 18.89 8.87
N ALA A 153 -37.49 17.59 9.16
CA ALA A 153 -37.59 17.11 10.53
C ALA A 153 -36.35 17.55 11.36
N CYS A 154 -35.14 17.43 10.80
CA CYS A 154 -33.96 17.86 11.54
C CYS A 154 -33.96 19.38 11.75
N ARG A 155 -34.25 20.17 10.70
CA ARG A 155 -34.25 21.63 10.76
C ARG A 155 -35.25 22.09 11.83
N GLU A 156 -36.41 21.45 11.94
CA GLU A 156 -37.42 21.79 12.96
C GLU A 156 -36.91 21.54 14.38
N ALA A 157 -36.33 20.36 14.63
CA ALA A 157 -35.73 20.01 15.91
C ALA A 157 -34.63 20.98 16.31
N LEU A 158 -33.80 21.38 15.34
CA LEU A 158 -32.74 22.34 15.62
C LEU A 158 -33.32 23.69 16.08
N ASP A 159 -34.27 24.18 15.29
CA ASP A 159 -34.86 25.49 15.54
C ASP A 159 -35.58 25.50 16.87
N ALA A 160 -36.31 24.40 17.16
CA ALA A 160 -37.01 24.24 18.41
C ALA A 160 -36.05 24.34 19.60
N TYR A 161 -34.84 23.76 19.44
CA TYR A 161 -33.85 23.83 20.50
C TYR A 161 -33.33 25.25 20.68
N SER A 162 -33.10 25.95 19.57
CA SER A 162 -32.61 27.32 19.62
C SER A 162 -33.66 28.21 20.28
N ALA A 163 -34.94 27.90 20.03
CA ALA A 163 -36.06 28.64 20.59
C ALA A 163 -36.02 28.48 22.10
N LYS A 164 -35.69 27.29 22.60
CA LYS A 164 -35.54 27.06 24.04
C LYS A 164 -34.40 27.86 24.64
N HIS A 165 -33.50 28.43 23.83
CA HIS A 165 -32.35 29.17 24.34
C HIS A 165 -32.13 30.41 23.44
N PRO A 166 -33.08 31.37 23.51
CA PRO A 166 -33.18 32.51 22.64
C PRO A 166 -31.89 33.29 22.54
N ASN A 167 -31.13 33.41 23.62
CA ASN A 167 -29.93 34.20 23.49
C ASN A 167 -28.75 33.39 23.01
N GLY A 168 -28.87 32.06 22.98
CA GLY A 168 -27.80 31.19 22.49
C GLY A 168 -27.62 31.27 20.98
N LYS A 169 -26.87 30.35 20.34
CA LYS A 169 -26.61 30.48 18.91
C LYS A 169 -27.65 29.74 18.08
N LYS A 170 -27.66 29.99 16.76
CA LYS A 170 -28.47 29.18 15.85
C LYS A 170 -27.62 27.92 15.54
N PHE A 171 -28.21 26.83 15.06
CA PHE A 171 -27.43 25.64 14.80
C PHE A 171 -27.52 25.27 13.32
N LEU A 172 -26.49 24.57 12.85
CA LEU A 172 -26.31 24.30 11.44
C LEU A 172 -26.82 22.93 11.00
N LEU A 173 -27.23 22.84 9.76
CA LEU A 173 -27.72 21.63 9.13
C LEU A 173 -26.97 21.74 7.80
N THR A 174 -26.31 20.65 7.46
CA THR A 174 -25.43 20.60 6.31
C THR A 174 -25.54 19.17 5.76
N ILE A 175 -25.16 18.95 4.49
CA ILE A 175 -25.13 17.60 3.91
C ILE A 175 -23.96 17.46 2.98
N ALA A 176 -23.56 16.25 2.66
CA ALA A 176 -22.54 16.03 1.63
C ALA A 176 -23.35 15.75 0.38
N SER A 177 -23.04 16.35 -0.75
CA SER A 177 -23.88 16.19 -1.92
C SER A 177 -23.13 15.63 -3.13
N PRO A 178 -23.82 14.88 -4.01
CA PRO A 178 -23.22 14.22 -5.18
C PRO A 178 -22.76 15.11 -6.30
N ALA A 179 -21.60 14.79 -6.87
CA ALA A 179 -21.11 15.52 -8.04
C ALA A 179 -21.46 14.79 -9.34
N GLY A 180 -21.92 13.54 -9.26
CA GLY A 180 -22.32 12.73 -10.40
C GLY A 180 -23.76 13.00 -10.83
N PRO A 181 -24.03 13.46 -12.08
CA PRO A 181 -25.34 13.79 -12.60
C PRO A 181 -26.39 12.72 -12.34
N GLN A 182 -26.08 11.43 -12.55
CA GLN A 182 -27.03 10.36 -12.24
C GLN A 182 -27.44 10.33 -10.76
N ASN A 183 -26.65 10.89 -9.84
CA ASN A 183 -27.09 10.94 -8.46
C ASN A 183 -27.76 12.28 -8.19
N TYR A 184 -27.18 13.43 -8.53
CA TYR A 184 -27.82 14.70 -8.15
C TYR A 184 -29.10 14.98 -8.92
N ASN A 185 -29.23 14.49 -10.17
CA ASN A 185 -30.43 14.75 -10.97
C ASN A 185 -31.67 14.08 -10.43
N LYS A 186 -31.56 13.15 -9.45
CA LYS A 186 -32.79 12.68 -8.87
C LYS A 186 -33.11 13.38 -7.55
N LEU A 187 -32.35 14.38 -7.12
CA LEU A 187 -32.64 15.00 -5.84
C LEU A 187 -33.44 16.26 -6.06
N LYS A 188 -34.22 16.66 -5.06
CA LYS A 188 -34.99 17.89 -5.18
C LYS A 188 -34.18 19.00 -4.54
N LEU A 189 -33.17 19.41 -5.33
CA LEU A 189 -32.16 20.37 -4.88
C LEU A 189 -32.73 21.68 -4.34
N ALA A 190 -33.58 22.38 -5.09
CA ALA A 190 -34.13 23.65 -4.64
C ALA A 190 -34.93 23.45 -3.36
N GLU A 191 -35.66 22.35 -3.26
CA GLU A 191 -36.42 22.05 -2.05
C GLU A 191 -35.52 21.93 -0.83
N MET A 192 -34.50 21.05 -0.96
CA MET A 192 -33.56 20.77 0.11
C MET A 192 -32.84 22.03 0.60
N ASP A 193 -32.45 22.87 -0.37
CA ASP A 193 -31.70 24.09 -0.09
C ASP A 193 -32.36 24.98 0.98
N LYS A 194 -33.70 25.01 1.02
CA LYS A 194 -34.44 25.79 1.98
C LYS A 194 -34.03 25.40 3.39
N TYR A 195 -33.69 24.13 3.61
CA TYR A 195 -33.38 23.70 4.95
C TYR A 195 -31.90 23.78 5.30
N LEU A 196 -31.01 24.00 4.35
CA LEU A 196 -29.59 23.85 4.67
C LEU A 196 -28.83 25.15 4.82
N ASP A 197 -27.80 25.06 5.67
CA ASP A 197 -26.92 26.19 5.82
C ASP A 197 -25.95 26.21 4.65
N PHE A 198 -25.47 25.03 4.19
CA PHE A 198 -24.59 24.92 3.04
C PHE A 198 -24.47 23.44 2.63
N TRP A 199 -23.94 23.31 1.41
CA TRP A 199 -23.82 22.09 0.63
C TRP A 199 -22.36 21.76 0.43
N ASN A 200 -21.86 20.64 0.96
CA ASN A 200 -20.45 20.25 0.74
C ASN A 200 -20.50 19.29 -0.44
N LEU A 201 -20.15 19.80 -1.62
CA LEU A 201 -20.22 19.04 -2.85
C LEU A 201 -19.01 18.09 -2.93
N MET A 202 -19.25 16.78 -2.98
CA MET A 202 -18.18 15.78 -3.03
C MET A 202 -17.58 15.74 -4.43
N ALA A 203 -16.79 16.73 -4.78
CA ALA A 203 -16.19 16.83 -6.09
C ALA A 203 -14.90 16.00 -6.18
N TYR A 204 -15.02 14.68 -6.02
CA TYR A 204 -13.87 13.78 -6.10
C TYR A 204 -14.40 12.38 -6.27
N ASP A 205 -13.47 11.41 -6.40
CA ASP A 205 -13.79 10.00 -6.70
C ASP A 205 -14.51 9.91 -8.04
N PHE A 206 -14.11 10.76 -8.98
CA PHE A 206 -14.64 10.71 -10.33
C PHE A 206 -14.17 9.47 -11.07
N SER A 207 -13.09 8.85 -10.58
CA SER A 207 -12.54 7.63 -11.16
C SER A 207 -11.95 6.77 -10.04
N GLY A 208 -11.70 5.50 -10.30
CA GLY A 208 -11.10 4.64 -9.28
C GLY A 208 -11.02 3.25 -9.83
N SER A 209 -10.85 2.31 -8.89
CA SER A 209 -10.72 0.89 -9.20
C SER A 209 -11.95 0.29 -9.91
N TRP A 210 -13.10 0.93 -9.66
CA TRP A 210 -14.34 0.58 -10.35
C TRP A 210 -14.32 0.90 -11.84
N ASP A 211 -13.43 1.71 -12.38
CA ASP A 211 -13.48 1.94 -13.80
C ASP A 211 -12.63 0.95 -14.59
N LYS A 212 -12.66 1.02 -15.91
CA LYS A 212 -11.83 0.21 -16.75
C LYS A 212 -10.73 1.12 -17.27
N VAL A 213 -10.96 2.44 -17.30
CA VAL A 213 -9.94 3.36 -17.79
C VAL A 213 -9.49 4.32 -16.71
N SER A 214 -8.20 4.69 -16.70
CA SER A 214 -7.63 5.60 -15.71
C SER A 214 -8.23 6.98 -16.02
N GLY A 215 -8.69 7.68 -14.99
CA GLY A 215 -9.30 8.96 -15.23
C GLY A 215 -8.83 9.90 -14.15
N HIS A 216 -9.11 11.18 -14.43
CA HIS A 216 -8.84 12.26 -13.50
C HIS A 216 -9.86 12.12 -12.39
N MET A 217 -9.45 12.10 -11.11
CA MET A 217 -10.42 11.85 -10.05
C MET A 217 -11.10 13.05 -9.36
N SER A 218 -10.72 14.31 -9.62
CA SER A 218 -11.35 15.48 -9.03
C SER A 218 -11.21 16.76 -9.87
N ASN A 219 -11.03 16.62 -11.19
CA ASN A 219 -10.78 17.78 -12.07
C ASN A 219 -11.96 18.74 -12.08
N VAL A 220 -11.65 20.00 -12.28
CA VAL A 220 -12.71 21.00 -12.39
C VAL A 220 -13.40 21.02 -13.75
N PHE A 221 -12.63 21.09 -14.84
CA PHE A 221 -13.21 21.24 -16.17
C PHE A 221 -13.01 19.94 -16.96
N PRO A 222 -13.90 19.60 -17.89
CA PRO A 222 -13.74 18.46 -18.80
C PRO A 222 -12.59 18.68 -19.80
N SER A 223 -12.03 17.60 -20.34
CA SER A 223 -10.97 17.73 -21.31
C SER A 223 -11.58 17.64 -22.69
N THR A 224 -11.28 18.64 -23.50
CA THR A 224 -11.74 18.58 -24.88
C THR A 224 -10.82 17.68 -25.72
N THR A 225 -9.51 17.72 -25.54
CA THR A 225 -8.63 16.86 -26.34
C THR A 225 -8.73 15.41 -25.90
N LYS A 226 -8.65 15.11 -24.59
CA LYS A 226 -8.82 13.72 -24.18
C LYS A 226 -10.07 13.52 -23.31
N PRO A 227 -11.30 13.41 -23.88
CA PRO A 227 -12.55 13.31 -23.12
C PRO A 227 -12.61 12.08 -22.24
N GLU A 228 -11.96 11.01 -22.73
CA GLU A 228 -11.90 9.76 -21.97
C GLU A 228 -11.17 9.93 -20.64
N SER A 229 -10.30 10.91 -20.50
CA SER A 229 -9.62 11.08 -19.23
C SER A 229 -10.44 11.84 -18.20
N THR A 230 -11.58 12.41 -18.62
CA THR A 230 -12.40 13.15 -17.68
C THR A 230 -13.83 12.64 -17.77
N PRO A 231 -14.18 11.49 -17.19
CA PRO A 231 -15.57 11.05 -17.06
C PRO A 231 -16.47 12.13 -16.41
N PHE A 232 -15.98 12.95 -15.48
CA PHE A 232 -16.79 13.94 -14.80
C PHE A 232 -16.03 15.26 -14.74
N SER A 233 -16.62 16.25 -14.08
CA SER A 233 -15.96 17.52 -13.81
C SER A 233 -16.77 18.19 -12.68
N SER A 234 -16.13 18.92 -11.79
CA SER A 234 -16.89 19.61 -10.78
C SER A 234 -17.69 20.76 -11.41
N ASP A 235 -17.16 21.39 -12.47
CA ASP A 235 -17.84 22.53 -13.10
C ASP A 235 -19.24 22.17 -13.62
N LYS A 236 -19.40 20.96 -14.17
CA LYS A 236 -20.69 20.47 -14.64
C LYS A 236 -21.65 20.46 -13.47
N ALA A 237 -21.18 19.88 -12.36
CA ALA A 237 -21.97 19.80 -11.15
C ALA A 237 -22.35 21.18 -10.61
N VAL A 238 -21.40 22.12 -10.48
CA VAL A 238 -21.64 23.42 -9.88
C VAL A 238 -22.68 24.19 -10.70
N LYS A 239 -22.47 24.16 -12.02
CA LYS A 239 -23.35 24.79 -12.97
C LYS A 239 -24.75 24.19 -12.90
N ASP A 240 -24.88 22.85 -12.86
CA ASP A 240 -26.19 22.27 -12.72
C ASP A 240 -26.87 22.64 -11.42
N TYR A 241 -26.10 22.74 -10.32
CA TYR A 241 -26.66 23.08 -9.02
C TYR A 241 -27.26 24.48 -9.09
N ILE A 242 -26.50 25.40 -9.67
CA ILE A 242 -26.92 26.77 -9.76
C ILE A 242 -28.16 26.84 -10.64
N LYS A 243 -28.19 26.13 -11.77
CA LYS A 243 -29.38 26.13 -12.63
C LYS A 243 -30.59 25.58 -11.89
N ALA A 244 -30.35 24.63 -11.00
CA ALA A 244 -31.45 24.07 -10.24
C ALA A 244 -31.97 25.01 -9.13
N GLY A 245 -31.30 26.14 -8.93
CA GLY A 245 -31.75 27.09 -7.93
C GLY A 245 -30.85 27.10 -6.69
N VAL A 246 -29.73 26.36 -6.64
CA VAL A 246 -28.89 26.44 -5.44
C VAL A 246 -27.95 27.63 -5.63
N PRO A 247 -27.91 28.56 -4.68
CA PRO A 247 -27.01 29.71 -4.66
C PRO A 247 -25.53 29.29 -4.62
N ALA A 248 -24.70 29.93 -5.45
CA ALA A 248 -23.28 29.64 -5.57
C ALA A 248 -22.57 29.75 -4.22
N ASN A 249 -22.90 30.81 -3.46
CA ASN A 249 -22.26 31.01 -2.16
C ASN A 249 -22.62 30.00 -1.08
N LYS A 250 -23.58 29.11 -1.33
CA LYS A 250 -23.91 28.07 -0.35
C LYS A 250 -23.27 26.75 -0.75
N ILE A 251 -22.47 26.73 -1.83
CA ILE A 251 -21.89 25.47 -2.26
C ILE A 251 -20.40 25.55 -1.92
N VAL A 252 -19.95 24.52 -1.21
CA VAL A 252 -18.57 24.34 -0.77
C VAL A 252 -17.96 23.20 -1.59
N LEU A 253 -16.82 23.50 -2.20
CA LEU A 253 -16.15 22.59 -3.14
C LEU A 253 -15.31 21.58 -2.36
N GLY A 254 -15.73 20.32 -2.44
CA GLY A 254 -15.02 19.26 -1.79
C GLY A 254 -13.76 18.95 -2.56
N MET A 255 -12.63 18.82 -1.86
CA MET A 255 -11.34 18.51 -2.47
C MET A 255 -10.64 17.31 -1.80
N PRO A 256 -9.98 16.42 -2.53
CA PRO A 256 -9.34 15.23 -2.00
C PRO A 256 -7.99 15.51 -1.32
N LEU A 257 -7.71 14.94 -0.16
CA LEU A 257 -6.38 15.03 0.41
C LEU A 257 -5.65 13.67 0.29
N TYR A 258 -6.00 13.02 -0.82
CA TYR A 258 -5.51 11.68 -1.10
C TYR A 258 -5.54 11.53 -2.61
N GLY A 259 -4.99 10.43 -3.12
CA GLY A 259 -4.95 10.13 -4.54
C GLY A 259 -5.41 8.68 -4.76
N ARG A 260 -5.95 8.41 -5.94
CA ARG A 260 -6.30 7.05 -6.33
C ARG A 260 -5.33 6.65 -7.45
N ALA A 261 -4.88 5.41 -7.33
CA ALA A 261 -3.88 4.84 -8.21
C ALA A 261 -4.40 3.84 -9.24
N PHE A 262 -3.70 3.70 -10.38
CA PHE A 262 -4.04 2.81 -11.47
C PHE A 262 -2.73 2.13 -11.88
N ALA A 263 -2.77 0.80 -11.95
CA ALA A 263 -1.58 0.01 -12.26
C ALA A 263 -1.61 -0.47 -13.71
N SER A 264 -0.44 -0.89 -14.21
CA SER A 264 -0.26 -1.41 -15.56
C SER A 264 -1.06 -0.58 -16.59
N THR A 265 -0.70 0.70 -16.62
CA THR A 265 -1.40 1.66 -17.47
C THR A 265 -0.41 2.37 -18.34
N ASP A 266 -0.74 2.72 -19.59
CA ASP A 266 0.19 3.58 -20.31
C ASP A 266 0.10 5.08 -19.94
N GLY A 267 -0.93 5.49 -19.19
CA GLY A 267 -1.05 6.88 -18.76
C GLY A 267 -2.51 7.20 -18.54
N ILE A 268 -2.82 8.50 -18.39
CA ILE A 268 -4.19 8.92 -18.12
C ILE A 268 -5.12 8.63 -19.31
N GLY A 269 -6.34 8.26 -18.98
CA GLY A 269 -7.32 7.95 -20.00
C GLY A 269 -7.05 6.65 -20.73
N THR A 270 -6.14 5.75 -20.28
CA THR A 270 -6.01 4.47 -20.98
C THR A 270 -6.45 3.31 -20.06
N SER A 271 -6.52 2.06 -20.54
CA SER A 271 -6.88 0.92 -19.68
C SER A 271 -5.87 0.65 -18.56
N PHE A 272 -6.29 0.04 -17.48
CA PHE A 272 -5.34 -0.28 -16.40
C PHE A 272 -5.79 -1.60 -15.80
N ASN A 273 -4.94 -2.23 -15.00
CA ASN A 273 -5.34 -3.49 -14.41
C ASN A 273 -4.80 -3.48 -13.01
N GLY A 274 -5.70 -3.44 -12.03
CA GLY A 274 -5.27 -3.38 -10.66
C GLY A 274 -4.91 -1.95 -10.26
N VAL A 275 -4.68 -1.77 -8.95
CA VAL A 275 -4.44 -0.47 -8.35
C VAL A 275 -3.20 -0.39 -7.47
N GLY A 276 -2.45 -1.49 -7.33
CA GLY A 276 -1.21 -1.49 -6.57
C GLY A 276 -1.40 -1.31 -5.08
N GLY A 277 -0.35 -0.77 -4.46
CA GLY A 277 -0.33 -0.58 -3.03
C GLY A 277 -1.16 0.61 -2.57
N GLY A 278 -0.86 1.10 -1.37
CA GLY A 278 -1.61 2.19 -0.80
C GLY A 278 -1.01 2.52 0.55
N SER A 279 -1.33 3.71 1.04
CA SER A 279 -0.82 4.17 2.30
C SER A 279 -1.40 3.33 3.43
N TRP A 280 -2.68 2.99 3.32
CA TRP A 280 -3.38 2.30 4.39
C TRP A 280 -4.19 1.18 3.77
N GLU A 281 -4.81 1.45 2.61
CA GLU A 281 -5.50 0.43 1.85
C GLU A 281 -5.11 0.59 0.39
N ASN A 282 -5.11 -0.54 -0.33
CA ASN A 282 -4.69 -0.58 -1.74
C ASN A 282 -5.48 0.38 -2.64
N GLY A 283 -4.76 0.95 -3.59
CA GLY A 283 -5.31 1.90 -4.51
C GLY A 283 -5.44 3.30 -3.94
N VAL A 284 -5.27 3.57 -2.64
CA VAL A 284 -5.43 4.91 -2.14
C VAL A 284 -4.16 5.37 -1.44
N TRP A 285 -3.73 6.59 -1.78
CA TRP A 285 -2.52 7.17 -1.26
C TRP A 285 -2.79 8.51 -0.57
N ASP A 286 -2.29 8.73 0.63
CA ASP A 286 -2.36 10.01 1.30
C ASP A 286 -1.52 11.03 0.55
N TYR A 287 -2.01 12.28 0.48
CA TYR A 287 -1.30 13.36 -0.20
C TYR A 287 0.09 13.51 0.39
N LYS A 288 0.19 13.44 1.71
CA LYS A 288 1.47 13.61 2.39
C LYS A 288 2.52 12.52 2.06
N ASP A 289 2.17 11.45 1.35
CA ASP A 289 3.13 10.45 0.97
C ASP A 289 3.58 10.69 -0.47
N MET A 290 3.15 11.81 -1.07
CA MET A 290 3.45 12.06 -2.47
C MET A 290 4.60 13.05 -2.55
N PRO A 291 5.40 13.13 -3.63
CA PRO A 291 5.38 12.20 -4.74
C PRO A 291 6.21 10.98 -4.36
N GLN A 292 5.92 9.90 -5.05
CA GLN A 292 6.62 8.63 -4.89
C GLN A 292 7.92 8.70 -5.65
N GLN A 293 8.94 8.07 -5.10
CA GLN A 293 10.26 8.08 -5.70
C GLN A 293 10.15 7.45 -7.08
N GLY A 294 10.73 8.09 -8.07
CA GLY A 294 10.68 7.55 -9.41
C GLY A 294 9.43 7.93 -10.18
N ALA A 295 8.43 8.56 -9.60
CA ALA A 295 7.26 9.04 -10.34
C ALA A 295 7.48 10.48 -10.83
N GLN A 296 7.04 10.81 -12.05
CA GLN A 296 7.11 12.19 -12.53
C GLN A 296 5.72 12.82 -12.40
N VAL A 297 5.67 14.09 -11.99
CA VAL A 297 4.39 14.76 -11.74
C VAL A 297 3.99 15.61 -12.96
N THR A 298 2.74 15.50 -13.40
CA THR A 298 2.26 16.21 -14.55
C THR A 298 1.11 17.11 -14.06
N GLU A 299 1.16 18.43 -14.35
CA GLU A 299 0.13 19.38 -13.93
C GLU A 299 -0.62 20.02 -15.11
N LEU A 300 -1.89 19.68 -15.22
CA LEU A 300 -2.76 20.13 -16.28
C LEU A 300 -3.56 21.32 -15.68
N GLU A 301 -2.87 22.45 -15.64
CA GLU A 301 -3.38 23.72 -15.12
C GLU A 301 -4.71 24.18 -15.71
N ASP A 302 -4.94 23.99 -17.01
CA ASP A 302 -6.19 24.41 -17.62
C ASP A 302 -7.41 23.62 -17.18
N ILE A 303 -7.34 22.28 -17.04
CA ILE A 303 -8.50 21.55 -16.55
C ILE A 303 -8.48 21.41 -15.02
N ALA A 304 -7.37 21.88 -14.43
CA ALA A 304 -7.06 21.82 -13.01
C ALA A 304 -7.10 20.37 -12.51
N ALA A 305 -6.05 19.66 -12.90
CA ALA A 305 -5.87 18.27 -12.55
C ALA A 305 -4.38 17.95 -12.59
N SER A 306 -3.93 16.99 -11.80
CA SER A 306 -2.52 16.62 -11.75
C SER A 306 -2.44 15.13 -11.42
N TYR A 307 -1.33 14.52 -11.81
CA TYR A 307 -1.14 13.13 -11.49
C TYR A 307 0.33 12.85 -11.55
N SER A 308 0.73 11.75 -10.93
CA SER A 308 2.09 11.27 -11.08
C SER A 308 2.00 10.00 -11.90
N TYR A 309 3.11 9.72 -12.56
CA TYR A 309 3.24 8.52 -13.34
C TYR A 309 4.67 8.05 -13.27
N ASP A 310 4.81 6.75 -12.99
CA ASP A 310 6.10 6.11 -12.99
C ASP A 310 6.07 5.24 -14.24
N LYS A 311 6.85 5.71 -15.21
CA LYS A 311 7.11 5.08 -16.50
C LYS A 311 7.54 3.62 -16.34
N ASN A 312 8.44 3.37 -15.40
CA ASN A 312 8.97 2.03 -15.20
C ASN A 312 7.94 1.07 -14.64
N LYS A 313 7.17 1.44 -13.60
CA LYS A 313 6.17 0.53 -13.07
C LYS A 313 4.89 0.61 -13.90
N ARG A 314 4.75 1.64 -14.76
CA ARG A 314 3.51 2.00 -15.45
C ARG A 314 2.37 2.17 -14.42
N TYR A 315 2.69 2.99 -13.41
CA TYR A 315 1.77 3.25 -12.29
C TYR A 315 1.35 4.73 -12.29
N LEU A 316 0.06 5.00 -12.20
CA LEU A 316 -0.53 6.36 -12.27
C LEU A 316 -1.19 6.68 -10.95
N ILE A 317 -0.95 7.86 -10.38
CA ILE A 317 -1.69 8.28 -9.19
C ILE A 317 -2.37 9.65 -9.46
N SER A 318 -3.72 9.68 -9.48
CA SER A 318 -4.44 10.92 -9.65
C SER A 318 -4.55 11.60 -8.28
N TYR A 319 -3.91 12.74 -8.06
CA TYR A 319 -4.01 13.50 -6.82
C TYR A 319 -3.65 14.95 -7.16
N ASP A 320 -3.99 15.89 -6.28
CA ASP A 320 -3.74 17.33 -6.45
C ASP A 320 -2.44 17.80 -5.79
N THR A 321 -1.70 18.61 -6.54
CA THR A 321 -0.52 19.29 -6.05
C THR A 321 -0.90 20.71 -5.57
N VAL A 322 0.03 21.47 -4.96
CA VAL A 322 -0.25 22.82 -4.50
C VAL A 322 -0.72 23.72 -5.66
N LYS A 323 -0.12 23.56 -6.86
CA LYS A 323 -0.46 24.34 -8.05
C LYS A 323 -1.96 24.20 -8.35
N ILE A 324 -2.39 22.93 -8.40
CA ILE A 324 -3.76 22.64 -8.75
C ILE A 324 -4.70 23.10 -7.67
N ALA A 325 -4.29 23.04 -6.42
CA ALA A 325 -5.16 23.50 -5.34
C ALA A 325 -5.38 25.01 -5.48
N GLY A 326 -4.33 25.78 -5.82
CA GLY A 326 -4.47 27.21 -6.04
C GLY A 326 -5.44 27.47 -7.20
N LYS A 327 -5.39 26.63 -8.22
CA LYS A 327 -6.35 26.69 -9.32
C LYS A 327 -7.77 26.45 -8.85
N LYS A 328 -8.01 25.53 -7.91
CA LYS A 328 -9.37 25.28 -7.44
C LYS A 328 -9.80 26.47 -6.58
N ALA A 329 -8.85 27.07 -5.83
CA ALA A 329 -9.12 28.28 -5.08
C ALA A 329 -9.61 29.39 -6.05
N GLU A 330 -8.91 29.54 -7.19
CA GLU A 330 -9.28 30.46 -8.26
C GLU A 330 -10.73 30.29 -8.66
N TYR A 331 -11.06 29.04 -8.84
CA TYR A 331 -12.38 28.68 -9.25
C TYR A 331 -13.41 29.09 -8.18
N ILE A 332 -13.17 28.78 -6.89
CA ILE A 332 -14.07 29.15 -5.80
C ILE A 332 -14.34 30.65 -5.80
N THR A 333 -13.27 31.41 -5.86
CA THR A 333 -13.25 32.85 -5.86
C THR A 333 -14.01 33.45 -7.05
N LYS A 334 -13.61 33.06 -8.27
CA LYS A 334 -14.19 33.55 -9.51
C LYS A 334 -15.69 33.35 -9.54
N ASN A 335 -16.14 32.18 -9.10
CA ASN A 335 -17.54 31.88 -9.22
C ASN A 335 -18.32 32.13 -7.93
N GLY A 336 -17.73 32.89 -6.99
CA GLY A 336 -18.37 33.24 -5.73
C GLY A 336 -19.02 32.08 -4.98
N MET A 337 -18.23 31.01 -4.85
CA MET A 337 -18.72 29.82 -4.21
C MET A 337 -18.59 29.95 -2.70
N GLY A 338 -19.22 29.08 -1.91
CA GLY A 338 -19.18 29.14 -0.45
C GLY A 338 -17.85 28.78 0.22
N GLY A 339 -16.88 28.17 -0.47
CA GLY A 339 -15.61 27.82 0.17
C GLY A 339 -15.07 26.46 -0.28
N GLY A 340 -14.17 25.93 0.54
CA GLY A 340 -13.53 24.65 0.28
C GLY A 340 -13.73 23.69 1.45
N MET A 341 -13.87 22.40 1.13
CA MET A 341 -14.05 21.31 2.08
C MET A 341 -12.99 20.26 1.71
N TRP A 342 -12.43 19.53 2.66
CA TRP A 342 -11.48 18.46 2.35
C TRP A 342 -11.76 17.19 3.14
N TRP A 343 -11.53 16.09 2.44
CA TRP A 343 -11.55 14.75 3.02
C TRP A 343 -10.12 14.18 2.81
N GLU A 344 -9.36 14.00 3.87
CA GLU A 344 -9.77 14.30 5.24
C GLU A 344 -8.56 14.76 6.02
N SER A 345 -8.67 15.25 7.25
CA SER A 345 -7.57 15.94 7.91
C SER A 345 -6.25 15.22 8.21
N SER A 346 -6.15 13.89 8.22
CA SER A 346 -4.91 13.21 8.57
C SER A 346 -3.85 13.26 7.48
N SER A 347 -4.29 13.38 6.23
CA SER A 347 -3.38 13.23 5.12
C SER A 347 -2.80 14.44 4.37
N ASP A 348 -3.00 15.63 4.90
CA ASP A 348 -2.43 16.80 4.28
C ASP A 348 -0.97 16.94 4.75
N LYS A 349 -0.13 17.62 3.96
CA LYS A 349 1.19 18.01 4.44
C LYS A 349 1.02 19.24 5.31
N THR A 350 2.06 19.53 6.06
CA THR A 350 2.14 20.70 6.90
C THR A 350 2.87 21.78 6.09
N GLY A 351 3.03 22.99 6.67
CA GLY A 351 3.79 24.08 6.09
C GLY A 351 3.37 24.47 4.68
N ASN A 352 4.27 25.11 3.92
CA ASN A 352 3.98 25.53 2.56
C ASN A 352 3.59 24.45 1.57
N GLU A 353 3.53 23.18 1.96
CA GLU A 353 3.14 22.15 1.02
C GLU A 353 1.71 21.68 1.26
N SER A 354 1.10 22.24 2.31
CA SER A 354 -0.27 21.96 2.66
C SER A 354 -1.23 22.42 1.59
N LEU A 355 -2.11 21.52 1.15
CA LEU A 355 -3.15 21.89 0.20
C LEU A 355 -4.19 22.82 0.83
N VAL A 356 -4.51 22.60 2.13
CA VAL A 356 -5.46 23.43 2.85
C VAL A 356 -4.91 24.86 2.96
N GLY A 357 -3.71 25.04 3.53
CA GLY A 357 -3.06 26.36 3.55
C GLY A 357 -3.03 27.07 2.19
N THR A 358 -2.70 26.34 1.10
CA THR A 358 -2.68 26.87 -0.25
C THR A 358 -4.06 27.44 -0.63
N VAL A 359 -5.13 26.71 -0.33
CA VAL A 359 -6.45 27.19 -0.70
C VAL A 359 -6.87 28.38 0.15
N VAL A 360 -6.65 28.33 1.46
CA VAL A 360 -7.02 29.44 2.34
C VAL A 360 -6.29 30.70 1.92
N ASN A 361 -4.98 30.63 1.74
CA ASN A 361 -4.25 31.80 1.26
C ASN A 361 -4.75 32.22 -0.13
N GLY A 362 -5.06 31.29 -1.04
CA GLY A 362 -5.63 31.60 -2.35
C GLY A 362 -7.02 32.20 -2.23
N LEU A 363 -7.69 32.03 -1.09
CA LEU A 363 -8.96 32.67 -0.82
C LEU A 363 -8.74 34.04 -0.14
N GLY A 364 -7.52 34.55 -0.09
CA GLY A 364 -7.25 35.83 0.54
C GLY A 364 -6.89 35.67 2.00
N GLY A 365 -6.87 34.44 2.51
CA GLY A 365 -6.44 34.19 3.88
C GLY A 365 -7.57 34.10 4.90
N THR A 366 -7.11 33.87 6.13
CA THR A 366 -7.99 33.68 7.29
C THR A 366 -8.96 34.86 7.53
N GLY A 367 -8.52 36.08 7.24
CA GLY A 367 -9.40 37.24 7.32
C GLY A 367 -10.54 37.13 6.34
N LYS A 368 -10.40 36.44 5.21
CA LYS A 368 -11.53 36.34 4.29
C LYS A 368 -12.44 35.14 4.60
N LEU A 369 -12.21 34.47 5.73
CA LEU A 369 -13.07 33.38 6.07
C LEU A 369 -14.31 33.96 6.74
N GLU A 370 -15.44 33.24 6.64
CA GLU A 370 -16.68 33.61 7.27
C GLU A 370 -16.47 33.68 8.78
N GLN A 371 -16.92 34.79 9.37
CA GLN A 371 -16.73 35.02 10.78
C GLN A 371 -18.11 34.80 11.36
N ARG A 372 -18.24 33.76 12.16
CA ARG A 372 -19.51 33.44 12.79
C ARG A 372 -19.10 32.71 14.07
N GLU A 373 -19.55 33.27 15.18
CA GLU A 373 -19.15 32.73 16.47
C GLU A 373 -19.83 31.37 16.72
N ASN A 374 -19.03 30.45 17.23
CA ASN A 374 -19.50 29.13 17.64
C ASN A 374 -20.24 29.24 18.99
N GLU A 375 -20.82 28.12 19.43
CA GLU A 375 -21.57 28.01 20.65
C GLU A 375 -20.77 27.24 21.69
N LEU A 376 -20.59 27.83 22.87
CA LEU A 376 -19.92 27.18 23.98
C LEU A 376 -20.87 26.79 25.09
N SER A 377 -22.16 27.16 25.03
CA SER A 377 -23.03 26.91 26.16
C SER A 377 -23.89 25.74 25.81
N TYR A 378 -23.84 24.70 26.64
CA TYR A 378 -24.66 23.52 26.42
C TYR A 378 -25.27 23.17 27.75
N PRO A 379 -26.20 24.02 28.26
CA PRO A 379 -26.85 23.84 29.57
C PRO A 379 -27.61 22.53 29.73
N GLU A 380 -28.15 21.92 28.67
CA GLU A 380 -28.88 20.68 28.79
C GLU A 380 -28.00 19.44 28.63
N SER A 381 -26.69 19.60 28.52
CA SER A 381 -25.84 18.44 28.42
C SER A 381 -25.88 17.65 29.71
N VAL A 382 -25.95 16.36 29.41
CA VAL A 382 -25.83 15.29 30.38
C VAL A 382 -24.41 15.25 30.97
N TYR A 383 -23.45 15.87 30.31
CA TYR A 383 -22.08 15.82 30.77
C TYR A 383 -21.64 17.05 31.54
N ASP A 384 -21.23 16.78 32.79
CA ASP A 384 -20.83 17.80 33.73
C ASP A 384 -19.71 18.68 33.26
N ASN A 385 -18.56 18.09 32.95
CA ASN A 385 -17.40 18.84 32.49
C ASN A 385 -17.76 19.64 31.22
N LEU A 386 -18.54 19.13 30.25
CA LEU A 386 -18.90 19.94 29.09
C LEU A 386 -19.85 21.10 29.45
N LYS A 387 -20.94 20.88 30.21
CA LYS A 387 -21.81 22.01 30.49
C LYS A 387 -21.12 23.03 31.38
N ASN A 388 -20.08 22.63 32.11
CA ASN A 388 -19.31 23.62 32.80
C ASN A 388 -18.21 24.25 31.96
N GLY A 389 -18.20 24.06 30.63
CA GLY A 389 -17.20 24.65 29.73
C GLY A 389 -15.81 24.03 29.77
N MET A 390 -15.69 22.77 30.24
CA MET A 390 -14.43 22.04 30.41
C MET A 390 -13.45 22.84 31.26
N PRO A 391 -13.76 23.07 32.56
CA PRO A 391 -12.88 23.74 33.49
C PRO A 391 -11.69 22.85 33.81
N SER A 392 -12.03 21.61 34.18
CA SER A 392 -11.09 20.56 34.55
C SER A 392 -10.27 20.87 35.79
N GLY B 1 36.65 -19.66 -4.81
CA GLY B 1 36.48 -19.37 -6.22
C GLY B 1 36.03 -17.91 -6.25
N GLY B 2 35.53 -17.32 -7.34
CA GLY B 2 35.07 -15.93 -7.22
C GLY B 2 33.75 -15.89 -6.44
N PHE B 3 33.21 -14.69 -6.21
CA PHE B 3 31.93 -14.52 -5.54
C PHE B 3 30.76 -14.65 -6.49
N ARG B 4 29.65 -15.19 -5.99
CA ARG B 4 28.42 -15.26 -6.75
C ARG B 4 27.45 -14.12 -6.45
N SER B 5 26.73 -13.68 -7.47
CA SER B 5 25.71 -12.65 -7.34
C SER B 5 24.44 -13.31 -7.91
N VAL B 6 23.48 -13.60 -7.03
CA VAL B 6 22.32 -14.44 -7.37
C VAL B 6 21.03 -13.63 -7.21
N VAL B 7 20.11 -13.58 -8.21
CA VAL B 7 18.86 -12.84 -8.01
C VAL B 7 17.69 -13.68 -8.44
N TYR B 8 16.58 -13.45 -7.75
CA TYR B 8 15.32 -14.07 -8.10
C TYR B 8 14.58 -13.17 -9.05
N PHE B 9 14.19 -13.73 -10.20
CA PHE B 9 13.29 -13.04 -11.09
C PHE B 9 12.00 -13.86 -10.92
N VAL B 10 10.98 -13.10 -10.53
CA VAL B 10 9.66 -13.63 -10.18
C VAL B 10 8.73 -13.47 -11.39
N ASN B 11 8.07 -14.55 -11.86
CA ASN B 11 7.35 -14.43 -13.13
C ASN B 11 6.07 -13.59 -13.05
N TRP B 12 5.57 -13.29 -11.85
CA TRP B 12 4.43 -12.40 -11.78
C TRP B 12 4.88 -10.92 -11.85
N ALA B 13 6.18 -10.62 -11.87
CA ALA B 13 6.65 -9.24 -11.93
C ALA B 13 6.26 -8.47 -13.21
N ILE B 14 5.96 -9.22 -14.28
CA ILE B 14 5.63 -8.65 -15.57
C ILE B 14 4.24 -8.02 -15.59
N TYR B 15 3.45 -8.20 -14.52
CA TYR B 15 2.12 -7.61 -14.50
C TYR B 15 2.15 -6.25 -13.82
N GLY B 16 1.49 -6.09 -12.65
CA GLY B 16 1.37 -4.83 -11.96
C GLY B 16 2.71 -4.16 -11.72
N ARG B 17 3.78 -4.94 -11.46
CA ARG B 17 5.08 -4.32 -11.21
C ARG B 17 5.78 -3.79 -12.45
N GLY B 18 5.36 -4.25 -13.64
CA GLY B 18 5.93 -3.77 -14.90
C GLY B 18 7.42 -4.09 -15.08
N HIS B 19 7.89 -5.20 -14.50
CA HIS B 19 9.30 -5.52 -14.57
C HIS B 19 9.45 -6.72 -15.46
N ASN B 20 10.15 -6.52 -16.55
CA ASN B 20 10.46 -7.57 -17.51
C ASN B 20 11.93 -7.98 -17.43
N PRO B 21 12.34 -9.13 -17.97
CA PRO B 21 13.72 -9.61 -17.86
C PRO B 21 14.71 -8.65 -18.52
N GLN B 22 14.24 -7.95 -19.57
CA GLN B 22 15.00 -6.95 -20.33
C GLN B 22 15.48 -5.83 -19.43
N ASP B 23 14.85 -5.62 -18.26
CA ASP B 23 15.22 -4.53 -17.37
C ASP B 23 16.34 -4.89 -16.43
N LEU B 24 16.82 -6.14 -16.51
CA LEU B 24 17.87 -6.60 -15.59
C LEU B 24 19.23 -6.08 -16.02
N LYS B 25 20.00 -5.50 -15.11
CA LYS B 25 21.36 -5.14 -15.46
C LYS B 25 22.12 -6.47 -15.40
N ALA B 26 22.07 -7.22 -16.50
CA ALA B 26 22.65 -8.55 -16.58
C ALA B 26 24.10 -8.66 -16.12
N ASP B 27 24.94 -7.66 -16.38
CA ASP B 27 26.33 -7.75 -15.99
C ASP B 27 26.57 -7.72 -14.49
N GLN B 28 25.60 -7.51 -13.59
CA GLN B 28 25.96 -7.57 -12.19
C GLN B 28 25.57 -8.88 -11.54
N PHE B 29 25.08 -9.88 -12.27
CA PHE B 29 24.69 -11.14 -11.66
C PHE B 29 25.44 -12.29 -12.35
N THR B 30 25.58 -13.36 -11.59
CA THR B 30 26.13 -14.59 -12.15
C THR B 30 25.01 -15.61 -12.34
N HIS B 31 23.89 -15.45 -11.62
CA HIS B 31 22.83 -16.46 -11.59
C HIS B 31 21.47 -15.79 -11.37
N ILE B 32 20.51 -16.18 -12.22
CA ILE B 32 19.13 -15.73 -12.15
C ILE B 32 18.31 -16.98 -11.89
N LEU B 33 17.48 -16.90 -10.85
CA LEU B 33 16.57 -17.98 -10.50
C LEU B 33 15.21 -17.53 -10.97
N TYR B 34 14.58 -18.37 -11.78
CA TYR B 34 13.31 -18.06 -12.39
C TYR B 34 12.23 -18.77 -11.56
N ALA B 35 11.42 -17.96 -10.88
CA ALA B 35 10.47 -18.45 -9.92
C ALA B 35 9.01 -18.18 -10.38
N PHE B 36 8.11 -19.14 -10.17
CA PHE B 36 8.38 -20.40 -9.53
C PHE B 36 7.69 -21.51 -10.31
N ALA B 37 8.28 -22.68 -10.53
CA ALA B 37 7.57 -23.79 -11.13
C ALA B 37 6.75 -24.45 -9.98
N ASN B 38 5.69 -25.16 -10.34
CA ASN B 38 4.86 -25.84 -9.37
C ASN B 38 5.01 -27.37 -9.52
N ILE B 39 4.48 -28.15 -8.57
CA ILE B 39 4.64 -29.59 -8.53
C ILE B 39 3.25 -30.19 -8.43
N ARG B 40 3.07 -31.21 -9.27
CA ARG B 40 1.86 -32.02 -9.37
C ARG B 40 1.95 -33.08 -8.29
N PRO B 41 0.83 -33.70 -7.82
CA PRO B 41 0.87 -34.79 -6.87
C PRO B 41 1.69 -35.97 -7.36
N SER B 42 1.75 -36.18 -8.69
CA SER B 42 2.57 -37.24 -9.27
C SER B 42 4.07 -37.02 -9.09
N GLY B 43 4.50 -35.80 -8.76
CA GLY B 43 5.90 -35.43 -8.78
C GLY B 43 6.20 -34.62 -10.04
N GLU B 44 5.29 -34.58 -11.04
CA GLU B 44 5.54 -33.82 -12.26
C GLU B 44 5.71 -32.34 -11.97
N VAL B 45 6.80 -31.74 -12.42
CA VAL B 45 7.01 -30.33 -12.28
C VAL B 45 6.48 -29.66 -13.53
N TYR B 46 5.83 -28.51 -13.37
CA TYR B 46 5.28 -27.78 -14.51
C TYR B 46 5.39 -26.27 -14.31
N LEU B 47 5.29 -25.54 -15.40
CA LEU B 47 5.42 -24.09 -15.35
C LEU B 47 4.13 -23.48 -14.78
N SER B 48 4.26 -22.50 -13.88
CA SER B 48 3.09 -21.98 -13.22
C SER B 48 2.28 -21.00 -14.04
N ASP B 49 2.86 -20.38 -15.08
CA ASP B 49 2.10 -19.41 -15.84
C ASP B 49 2.60 -19.42 -17.27
N THR B 50 1.98 -20.19 -18.15
CA THR B 50 2.46 -20.27 -19.53
C THR B 50 2.39 -18.98 -20.35
N TRP B 51 1.51 -18.03 -19.96
CA TRP B 51 1.42 -16.73 -20.60
C TRP B 51 2.74 -16.01 -20.36
N ALA B 52 3.06 -15.70 -19.10
CA ALA B 52 4.31 -15.05 -18.74
C ALA B 52 5.56 -15.85 -19.14
N ASP B 53 5.51 -17.16 -18.88
CA ASP B 53 6.65 -18.03 -19.09
C ASP B 53 7.00 -18.26 -20.53
N THR B 54 6.03 -18.66 -21.36
CA THR B 54 6.32 -19.04 -22.73
C THR B 54 5.53 -18.37 -23.87
N ASP B 55 4.34 -17.80 -23.62
CA ASP B 55 3.50 -17.37 -24.72
C ASP B 55 3.48 -15.92 -25.16
N LYS B 56 3.55 -15.01 -24.19
CA LYS B 56 3.57 -13.58 -24.48
C LYS B 56 4.74 -13.23 -25.40
N HIS B 57 4.38 -12.52 -26.46
CA HIS B 57 5.35 -12.02 -27.39
C HIS B 57 5.80 -10.65 -26.90
N TYR B 58 7.09 -10.41 -27.07
CA TYR B 58 7.75 -9.17 -26.73
C TYR B 58 8.16 -8.59 -28.08
N PRO B 59 8.47 -7.27 -28.21
CA PRO B 59 9.05 -6.66 -29.40
C PRO B 59 10.26 -7.51 -29.83
N GLY B 60 10.21 -7.92 -31.09
CA GLY B 60 11.22 -8.75 -31.70
C GLY B 60 10.70 -10.15 -31.93
N ASP B 61 9.67 -10.59 -31.20
CA ASP B 61 9.13 -11.93 -31.38
C ASP B 61 8.13 -11.95 -32.51
N LYS B 62 8.50 -12.67 -33.55
CA LYS B 62 7.67 -12.85 -34.74
C LYS B 62 6.45 -13.73 -34.46
N TRP B 63 5.42 -13.55 -35.28
CA TRP B 63 4.19 -14.33 -35.18
C TRP B 63 4.13 -15.54 -36.10
N ASP B 64 4.85 -15.37 -37.20
CA ASP B 64 4.88 -16.29 -38.33
C ASP B 64 6.01 -17.33 -38.34
N GLU B 65 6.82 -17.43 -37.29
CA GLU B 65 7.96 -18.35 -37.30
C GLU B 65 7.63 -19.81 -37.53
N PRO B 66 8.29 -20.42 -38.54
CA PRO B 66 8.27 -21.85 -38.76
C PRO B 66 8.64 -22.66 -37.53
N GLY B 67 7.94 -23.75 -37.32
CA GLY B 67 8.22 -24.66 -36.22
C GLY B 67 7.63 -24.21 -34.89
N ASN B 68 7.91 -25.06 -33.91
CA ASN B 68 7.43 -24.94 -32.56
C ASN B 68 8.37 -24.02 -31.78
N ASN B 69 7.89 -22.86 -31.32
CA ASN B 69 8.80 -21.86 -30.78
C ASN B 69 8.46 -21.36 -29.40
N VAL B 70 9.42 -20.96 -28.56
CA VAL B 70 9.12 -20.40 -27.25
C VAL B 70 9.36 -18.92 -27.24
N TYR B 71 8.49 -18.25 -26.49
CA TYR B 71 8.54 -16.82 -26.35
C TYR B 71 8.54 -16.55 -24.84
N GLY B 72 7.72 -15.61 -24.35
CA GLY B 72 7.65 -15.25 -22.93
C GLY B 72 8.99 -14.80 -22.36
N CYS B 73 8.99 -14.85 -21.04
CA CYS B 73 10.16 -14.53 -20.28
C CYS B 73 11.25 -15.58 -20.49
N ILE B 74 10.95 -16.86 -20.79
CA ILE B 74 11.96 -17.88 -21.04
C ILE B 74 12.82 -17.38 -22.20
N LYS B 75 12.26 -16.92 -23.33
CA LYS B 75 13.10 -16.48 -24.44
C LYS B 75 14.02 -15.32 -24.05
N GLN B 76 13.47 -14.39 -23.27
CA GLN B 76 14.23 -13.23 -22.85
C GLN B 76 15.39 -13.64 -21.96
N MET B 77 15.19 -14.64 -21.08
CA MET B 77 16.27 -15.18 -20.24
C MET B 77 17.36 -15.75 -21.17
N TYR B 78 17.02 -16.52 -22.19
CA TYR B 78 18.03 -17.03 -23.12
C TYR B 78 18.80 -15.91 -23.83
N LEU B 79 18.11 -14.85 -24.25
CA LEU B 79 18.76 -13.69 -24.85
C LEU B 79 19.81 -13.10 -23.93
N LEU B 80 19.50 -12.99 -22.64
CA LEU B 80 20.46 -12.50 -21.68
C LEU B 80 21.69 -13.39 -21.66
N LYS B 81 21.48 -14.71 -21.62
CA LYS B 81 22.55 -15.72 -21.63
C LYS B 81 23.45 -15.49 -22.83
N LYS B 82 22.87 -15.38 -24.04
CA LYS B 82 23.62 -15.14 -25.28
C LYS B 82 24.55 -13.96 -25.21
N ASN B 83 24.06 -12.92 -24.54
CA ASN B 83 24.77 -11.68 -24.46
C ASN B 83 25.73 -11.60 -23.28
N ASN B 84 25.56 -12.45 -22.27
CA ASN B 84 26.47 -12.45 -21.14
C ASN B 84 26.68 -13.92 -20.83
N ARG B 85 27.83 -14.34 -21.36
CA ARG B 85 28.23 -15.73 -21.23
C ARG B 85 28.52 -16.13 -19.77
N ASN B 86 28.70 -15.18 -18.85
CA ASN B 86 28.91 -15.51 -17.47
C ASN B 86 27.59 -15.51 -16.69
N LEU B 87 26.47 -15.30 -17.41
CA LEU B 87 25.19 -15.31 -16.73
C LEU B 87 24.54 -16.68 -16.84
N LYS B 88 24.30 -17.33 -15.70
CA LYS B 88 23.57 -18.59 -15.68
C LYS B 88 22.10 -18.43 -15.24
N THR B 89 21.18 -19.28 -15.71
CA THR B 89 19.76 -19.22 -15.34
C THR B 89 19.37 -20.56 -14.72
N LEU B 90 18.54 -20.57 -13.69
CA LEU B 90 18.10 -21.80 -13.08
C LEU B 90 16.60 -21.73 -12.92
N LEU B 91 15.95 -22.88 -13.05
CA LEU B 91 14.52 -23.02 -12.92
C LEU B 91 14.29 -23.25 -11.43
N SER B 92 13.59 -22.32 -10.78
CA SER B 92 13.32 -22.46 -9.36
C SER B 92 11.93 -23.04 -9.20
N ILE B 93 11.89 -24.09 -8.38
CA ILE B 93 10.72 -24.91 -8.13
C ILE B 93 10.34 -24.80 -6.66
N GLY B 94 9.04 -24.50 -6.47
CA GLY B 94 8.47 -24.42 -5.14
C GLY B 94 8.16 -22.99 -4.68
N GLY B 95 8.80 -22.57 -3.60
CA GLY B 95 8.53 -21.27 -2.99
C GLY B 95 7.42 -21.44 -1.97
N TRP B 96 7.14 -20.36 -1.25
CA TRP B 96 6.16 -20.37 -0.15
C TRP B 96 4.78 -20.90 -0.50
N THR B 97 4.13 -20.37 -1.52
CA THR B 97 2.79 -20.81 -1.89
C THR B 97 2.77 -22.29 -2.29
N TYR B 98 3.74 -22.67 -3.13
CA TYR B 98 3.81 -24.01 -3.66
C TYR B 98 4.42 -25.09 -2.77
N SER B 99 5.16 -24.77 -1.69
CA SER B 99 5.78 -25.80 -0.86
C SER B 99 4.91 -26.89 -0.26
N PRO B 100 3.65 -26.71 0.16
CA PRO B 100 2.71 -27.81 0.46
C PRO B 100 2.79 -29.03 -0.46
N ASN B 101 3.11 -28.78 -1.73
CA ASN B 101 3.09 -29.77 -2.78
C ASN B 101 4.28 -30.72 -2.83
N PHE B 102 5.28 -30.48 -1.99
CA PHE B 102 6.46 -31.31 -2.02
C PHE B 102 6.29 -32.67 -1.34
N LYS B 103 5.58 -32.68 -0.20
CA LYS B 103 5.54 -33.83 0.68
C LYS B 103 5.16 -35.15 0.01
N THR B 104 4.08 -35.16 -0.77
CA THR B 104 3.61 -36.41 -1.33
C THR B 104 4.52 -36.91 -2.44
N PRO B 105 4.90 -36.21 -3.51
CA PRO B 105 5.86 -36.71 -4.49
C PRO B 105 7.18 -37.09 -3.84
N ALA B 106 7.62 -36.28 -2.88
CA ALA B 106 8.88 -36.55 -2.22
C ALA B 106 8.86 -37.83 -1.38
N SER B 107 7.71 -38.26 -0.86
CA SER B 107 7.72 -39.46 -0.06
C SER B 107 7.94 -40.78 -0.82
N THR B 108 7.87 -40.87 -2.14
CA THR B 108 8.11 -42.17 -2.75
C THR B 108 9.15 -42.01 -3.82
N GLU B 109 9.77 -43.17 -4.11
CA GLU B 109 10.80 -43.28 -5.13
C GLU B 109 10.23 -42.97 -6.52
N GLU B 110 8.95 -43.30 -6.74
CA GLU B 110 8.30 -43.07 -8.01
C GLU B 110 8.14 -41.56 -8.16
N GLY B 111 7.71 -40.95 -7.06
CA GLY B 111 7.44 -39.52 -7.00
C GLY B 111 8.72 -38.72 -7.26
N ARG B 112 9.77 -39.14 -6.56
CA ARG B 112 11.07 -38.53 -6.69
C ARG B 112 11.62 -38.63 -8.12
N LYS B 113 11.51 -39.80 -8.78
CA LYS B 113 11.97 -39.87 -10.15
C LYS B 113 11.11 -39.01 -11.07
N LYS B 114 9.77 -38.95 -10.90
CA LYS B 114 8.91 -38.12 -11.75
C LYS B 114 9.41 -36.67 -11.63
N PHE B 115 9.62 -36.20 -10.40
CA PHE B 115 10.17 -34.86 -10.15
C PHE B 115 11.48 -34.67 -10.94
N ALA B 116 12.47 -35.55 -10.72
CA ALA B 116 13.76 -35.45 -11.40
C ALA B 116 13.66 -35.45 -12.93
N ASP B 117 12.87 -36.36 -13.51
CA ASP B 117 12.77 -36.45 -14.96
C ASP B 117 12.04 -35.22 -15.52
N THR B 118 10.92 -34.82 -14.93
CA THR B 118 10.16 -33.68 -15.43
C THR B 118 10.94 -32.37 -15.22
N SER B 119 11.74 -32.23 -14.16
CA SER B 119 12.48 -31.01 -13.96
C SER B 119 13.63 -31.00 -14.98
N LEU B 120 14.25 -32.16 -15.27
CA LEU B 120 15.31 -32.17 -16.26
C LEU B 120 14.74 -31.82 -17.62
N LYS B 121 13.56 -32.34 -17.93
CA LYS B 121 12.88 -32.08 -19.18
C LYS B 121 12.70 -30.58 -19.43
N LEU B 122 12.19 -29.90 -18.39
CA LEU B 122 11.98 -28.46 -18.41
C LEU B 122 13.32 -27.74 -18.62
N MET B 123 14.36 -28.14 -17.89
CA MET B 123 15.66 -27.51 -17.96
C MET B 123 16.23 -27.53 -19.38
N LYS B 124 16.24 -28.73 -19.99
CA LYS B 124 16.84 -28.89 -21.33
C LYS B 124 15.94 -28.34 -22.43
N ASP B 125 14.61 -28.28 -22.23
CA ASP B 125 13.78 -27.68 -23.25
C ASP B 125 13.84 -26.16 -23.24
N LEU B 126 13.90 -25.57 -22.07
CA LEU B 126 13.80 -24.13 -21.94
C LEU B 126 15.14 -23.39 -21.82
N GLY B 127 16.27 -24.09 -21.89
CA GLY B 127 17.56 -23.43 -21.93
C GLY B 127 18.17 -22.99 -20.62
N PHE B 128 17.88 -23.68 -19.51
CA PHE B 128 18.45 -23.31 -18.22
C PHE B 128 19.75 -24.06 -17.89
N ASP B 129 20.59 -23.42 -17.08
CA ASP B 129 21.83 -24.00 -16.58
C ASP B 129 21.66 -24.89 -15.33
N GLY B 130 20.44 -25.06 -14.80
CA GLY B 130 20.19 -25.91 -13.64
C GLY B 130 18.80 -25.67 -13.05
N ILE B 131 18.58 -26.23 -11.85
CA ILE B 131 17.34 -26.10 -11.13
C ILE B 131 17.67 -25.82 -9.66
N ASP B 132 16.74 -25.06 -9.08
CA ASP B 132 16.83 -24.62 -7.71
C ASP B 132 15.56 -25.10 -7.05
N ILE B 133 15.66 -25.75 -5.90
CA ILE B 133 14.50 -26.29 -5.21
C ILE B 133 14.34 -25.54 -3.90
N ASP B 134 13.12 -25.02 -3.72
CA ASP B 134 12.77 -24.23 -2.57
C ASP B 134 11.57 -24.87 -1.90
N TRP B 135 11.88 -25.80 -1.02
CA TRP B 135 10.92 -26.47 -0.18
C TRP B 135 11.06 -25.70 1.12
N GLN B 136 9.98 -24.99 1.48
CA GLN B 136 9.93 -24.16 2.67
C GLN B 136 8.70 -24.58 3.50
N TYR B 137 8.87 -25.47 4.48
CA TYR B 137 10.16 -26.07 4.81
C TYR B 137 9.93 -27.54 5.10
N PRO B 138 10.85 -28.52 5.00
CA PRO B 138 10.64 -29.89 5.50
C PRO B 138 10.21 -29.89 6.98
N GLU B 139 8.97 -30.34 7.24
CA GLU B 139 8.34 -30.29 8.55
C GLU B 139 9.01 -31.15 9.62
N ASP B 140 9.69 -32.22 9.21
CA ASP B 140 10.25 -33.14 10.18
C ASP B 140 11.36 -33.98 9.55
N GLU B 141 11.98 -34.80 10.38
CA GLU B 141 12.99 -35.72 9.94
C GLU B 141 12.60 -36.58 8.76
N LYS B 142 11.42 -37.23 8.69
CA LYS B 142 11.10 -38.06 7.51
C LYS B 142 11.21 -37.24 6.20
N GLN B 143 10.51 -36.12 6.21
CA GLN B 143 10.54 -35.19 5.10
C GLN B 143 11.96 -34.74 4.80
N ALA B 144 12.75 -34.47 5.83
CA ALA B 144 14.12 -34.03 5.62
C ALA B 144 14.90 -35.13 4.87
N ASN B 145 14.62 -36.39 5.25
CA ASN B 145 15.28 -37.51 4.64
C ASN B 145 14.85 -37.65 3.19
N ASP B 146 13.54 -37.47 2.95
CA ASP B 146 13.01 -37.51 1.60
C ASP B 146 13.66 -36.42 0.78
N PHE B 147 13.95 -35.27 1.39
CA PHE B 147 14.48 -34.14 0.65
C PHE B 147 15.88 -34.50 0.18
N VAL B 148 16.67 -35.20 1.03
CA VAL B 148 17.99 -35.67 0.64
C VAL B 148 17.87 -36.61 -0.58
N LEU B 149 16.92 -37.54 -0.53
CA LEU B 149 16.67 -38.44 -1.64
C LEU B 149 16.25 -37.71 -2.92
N LEU B 150 15.48 -36.64 -2.77
CA LEU B 150 15.00 -35.85 -3.89
C LEU B 150 16.20 -35.19 -4.56
N LEU B 151 17.10 -34.66 -3.74
CA LEU B 151 18.30 -34.02 -4.25
C LEU B 151 19.18 -35.03 -5.02
N LYS B 152 19.37 -36.22 -4.45
CA LYS B 152 20.12 -37.29 -5.09
C LYS B 152 19.50 -37.59 -6.48
N ALA B 153 18.17 -37.83 -6.52
CA ALA B 153 17.49 -38.13 -7.76
C ALA B 153 17.72 -37.01 -8.79
N CYS B 154 17.63 -35.74 -8.39
CA CYS B 154 17.82 -34.65 -9.34
C CYS B 154 19.27 -34.63 -9.82
N ARG B 155 20.23 -34.72 -8.89
CA ARG B 155 21.67 -34.68 -9.20
C ARG B 155 22.02 -35.79 -10.20
N GLU B 156 21.42 -36.98 -10.05
CA GLU B 156 21.67 -38.11 -10.98
C GLU B 156 21.15 -37.81 -12.38
N ALA B 157 19.91 -37.31 -12.50
CA ALA B 157 19.31 -36.92 -13.76
C ALA B 157 20.12 -35.85 -14.46
N LEU B 158 20.62 -34.88 -13.70
CA LEU B 158 21.47 -33.84 -14.26
C LEU B 158 22.75 -34.40 -14.88
N ASP B 159 23.42 -35.23 -14.07
CA ASP B 159 24.69 -35.80 -14.47
C ASP B 159 24.53 -36.71 -15.68
N ALA B 160 23.44 -37.49 -15.68
CA ALA B 160 23.12 -38.37 -16.79
C ALA B 160 22.97 -37.58 -18.08
N TYR B 161 22.33 -36.39 -17.98
CA TYR B 161 22.16 -35.55 -19.15
C TYR B 161 23.47 -34.99 -19.63
N SER B 162 24.34 -34.58 -18.70
CA SER B 162 25.66 -34.04 -19.06
C SER B 162 26.50 -35.16 -19.73
N ALA B 163 26.31 -36.40 -19.26
CA ALA B 163 27.02 -37.55 -19.79
C ALA B 163 26.61 -37.73 -21.25
N LYS B 164 25.32 -37.52 -21.58
CA LYS B 164 24.85 -37.59 -22.95
C LYS B 164 25.47 -36.51 -23.82
N HIS B 165 26.09 -35.47 -23.25
CA HIS B 165 26.66 -34.40 -24.03
C HIS B 165 28.01 -34.00 -23.42
N PRO B 166 29.01 -34.90 -23.55
CA PRO B 166 30.28 -34.84 -22.86
C PRO B 166 30.99 -33.50 -23.06
N ASN B 167 30.88 -32.91 -24.23
CA ASN B 167 31.61 -31.68 -24.40
C ASN B 167 30.82 -30.46 -23.95
N GLY B 168 29.52 -30.63 -23.66
CA GLY B 168 28.67 -29.54 -23.19
C GLY B 168 28.99 -29.16 -21.73
N LYS B 169 28.15 -28.35 -21.06
CA LYS B 169 28.51 -27.90 -19.71
C LYS B 169 27.99 -28.83 -18.64
N LYS B 170 28.45 -28.64 -17.39
CA LYS B 170 27.87 -29.35 -16.26
C LYS B 170 26.63 -28.52 -15.85
N PHE B 171 25.67 -29.09 -15.10
CA PHE B 171 24.50 -28.32 -14.74
C PHE B 171 24.40 -28.23 -13.22
N LEU B 172 23.72 -27.17 -12.79
CA LEU B 172 23.68 -26.81 -11.37
C LEU B 172 22.43 -27.30 -10.64
N LEU B 173 22.59 -27.55 -9.35
CA LEU B 173 21.54 -27.99 -8.46
C LEU B 173 21.81 -27.07 -7.29
N THR B 174 20.73 -26.39 -6.86
CA THR B 174 20.83 -25.37 -5.85
C THR B 174 19.55 -25.47 -5.03
N ILE B 175 19.52 -24.91 -3.81
CA ILE B 175 18.29 -24.86 -3.02
C ILE B 175 18.24 -23.57 -2.23
N ALA B 176 17.06 -23.17 -1.75
CA ALA B 176 16.96 -22.04 -0.84
C ALA B 176 16.95 -22.67 0.54
N SER B 177 17.72 -22.19 1.50
CA SER B 177 17.81 -22.85 2.78
C SER B 177 17.40 -21.97 3.95
N PRO B 178 16.86 -22.56 5.03
CA PRO B 178 16.37 -21.83 6.21
C PRO B 178 17.42 -21.18 7.09
N ALA B 179 17.12 -19.97 7.56
CA ALA B 179 18.00 -19.30 8.50
C ALA B 179 17.54 -19.50 9.95
N GLY B 180 16.32 -20.01 10.14
CA GLY B 180 15.75 -20.26 11.45
C GLY B 180 16.18 -21.64 12.00
N PRO B 181 16.85 -21.69 13.17
CA PRO B 181 17.35 -22.93 13.81
C PRO B 181 16.31 -24.03 13.88
N GLN B 182 15.07 -23.74 14.29
CA GLN B 182 14.03 -24.77 14.28
C GLN B 182 13.76 -25.40 12.90
N ASN B 183 14.10 -24.71 11.79
CA ASN B 183 13.96 -25.32 10.50
C ASN B 183 15.26 -26.00 10.07
N TYR B 184 16.42 -25.31 10.11
CA TYR B 184 17.64 -25.96 9.61
C TYR B 184 18.14 -27.10 10.50
N ASN B 185 17.88 -27.07 11.82
CA ASN B 185 18.33 -28.14 12.71
C ASN B 185 17.67 -29.47 12.47
N LYS B 186 16.60 -29.53 11.67
CA LYS B 186 16.11 -30.85 11.35
C LYS B 186 16.59 -31.31 9.96
N LEU B 187 17.44 -30.57 9.25
CA LEU B 187 17.85 -31.02 7.93
C LEU B 187 19.18 -31.75 8.06
N LYS B 188 19.45 -32.64 7.11
CA LYS B 188 20.73 -33.33 7.11
C LYS B 188 21.66 -32.54 6.18
N LEU B 189 22.14 -31.46 6.75
CA LEU B 189 22.95 -30.49 6.01
C LEU B 189 24.19 -31.06 5.31
N ALA B 190 25.04 -31.77 6.04
CA ALA B 190 26.25 -32.33 5.45
C ALA B 190 25.90 -33.31 4.33
N GLU B 191 24.84 -34.09 4.52
CA GLU B 191 24.39 -35.02 3.51
C GLU B 191 24.00 -34.30 2.22
N MET B 192 23.10 -33.32 2.37
CA MET B 192 22.60 -32.53 1.25
C MET B 192 23.69 -31.84 0.46
N ASP B 193 24.67 -31.29 1.18
CA ASP B 193 25.77 -30.54 0.61
C ASP B 193 26.49 -31.31 -0.49
N LYS B 194 26.62 -32.63 -0.34
CA LYS B 194 27.26 -33.47 -1.35
C LYS B 194 26.61 -33.27 -2.71
N TYR B 195 25.31 -33.01 -2.75
CA TYR B 195 24.65 -32.91 -4.03
C TYR B 195 24.57 -31.51 -4.58
N LEU B 196 24.89 -30.48 -3.80
CA LEU B 196 24.59 -29.14 -4.28
C LEU B 196 25.80 -28.35 -4.76
N ASP B 197 25.51 -27.46 -5.69
CA ASP B 197 26.53 -26.55 -6.15
C ASP B 197 26.66 -25.43 -5.14
N PHE B 198 25.57 -24.95 -4.56
CA PHE B 198 25.60 -23.92 -3.52
C PHE B 198 24.21 -23.79 -2.87
N TRP B 199 24.26 -23.11 -1.72
CA TRP B 199 23.18 -22.92 -0.77
C TRP B 199 22.80 -21.46 -0.70
N ASN B 200 21.57 -21.09 -1.10
CA ASN B 200 21.12 -19.68 -1.00
C ASN B 200 20.39 -19.61 0.33
N LEU B 201 21.05 -19.08 1.35
CA LEU B 201 20.52 -19.00 2.69
C LEU B 201 19.52 -17.83 2.76
N MET B 202 18.26 -18.11 3.08
CA MET B 202 17.23 -17.08 3.17
C MET B 202 17.39 -16.29 4.48
N ALA B 203 18.38 -15.42 4.55
CA ALA B 203 18.67 -14.65 5.72
C ALA B 203 17.78 -13.38 5.78
N TYR B 204 16.46 -13.59 5.89
CA TYR B 204 15.49 -12.48 5.97
C TYR B 204 14.18 -13.03 6.44
N ASP B 205 13.20 -12.14 6.61
CA ASP B 205 11.89 -12.46 7.21
C ASP B 205 12.06 -12.98 8.64
N PHE B 206 13.04 -12.44 9.34
CA PHE B 206 13.26 -12.78 10.73
C PHE B 206 12.13 -12.24 11.61
N SER B 207 11.37 -11.26 11.11
CA SER B 207 10.23 -10.68 11.81
C SER B 207 9.17 -10.29 10.80
N GLY B 208 7.95 -10.04 11.24
CA GLY B 208 6.90 -9.64 10.32
C GLY B 208 5.60 -9.54 11.10
N SER B 209 4.50 -9.54 10.33
CA SER B 209 3.16 -9.44 10.87
C SER B 209 2.79 -10.56 11.83
N TRP B 210 3.43 -11.73 11.62
CA TRP B 210 3.28 -12.87 12.51
C TRP B 210 3.83 -12.62 13.91
N ASP B 211 4.66 -11.63 14.17
CA ASP B 211 5.15 -11.46 15.51
C ASP B 211 4.26 -10.55 16.35
N LYS B 212 4.58 -10.40 17.63
CA LYS B 212 3.85 -9.51 18.50
C LYS B 212 4.76 -8.30 18.71
N VAL B 213 6.07 -8.47 18.50
CA VAL B 213 7.00 -7.36 18.70
C VAL B 213 7.73 -7.04 17.42
N SER B 214 8.01 -5.74 17.16
CA SER B 214 8.70 -5.27 15.96
C SER B 214 10.14 -5.74 16.08
N GLY B 215 10.68 -6.32 15.03
CA GLY B 215 12.02 -6.86 15.13
C GLY B 215 12.74 -6.52 13.84
N HIS B 216 14.06 -6.69 13.95
CA HIS B 216 14.94 -6.54 12.80
C HIS B 216 14.66 -7.70 11.86
N MET B 217 14.42 -7.47 10.57
CA MET B 217 14.06 -8.59 9.72
C MET B 217 15.16 -9.31 8.91
N SER B 218 16.41 -8.84 8.90
CA SER B 218 17.50 -9.51 8.19
C SER B 218 18.91 -9.19 8.78
N ASN B 219 18.98 -8.84 10.07
CA ASN B 219 20.25 -8.42 10.69
C ASN B 219 21.28 -9.56 10.69
N VAL B 220 22.54 -9.16 10.63
CA VAL B 220 23.60 -10.15 10.68
C VAL B 220 23.89 -10.64 12.10
N PHE B 221 24.09 -9.72 13.05
CA PHE B 221 24.50 -10.12 14.39
C PHE B 221 23.35 -9.86 15.35
N PRO B 222 23.21 -10.63 16.45
CA PRO B 222 22.24 -10.38 17.52
C PRO B 222 22.57 -9.10 18.31
N SER B 223 21.56 -8.50 18.93
CA SER B 223 21.78 -7.32 19.73
C SER B 223 21.98 -7.73 21.18
N THR B 224 23.09 -7.29 21.76
CA THR B 224 23.29 -7.54 23.17
C THR B 224 22.48 -6.57 24.02
N THR B 225 22.40 -5.28 23.66
CA THR B 225 21.63 -4.35 24.48
C THR B 225 20.15 -4.56 24.32
N LYS B 226 19.62 -4.70 23.10
CA LYS B 226 18.20 -4.95 22.96
C LYS B 226 17.92 -6.32 22.30
N PRO B 227 17.97 -7.45 23.04
CA PRO B 227 17.86 -8.80 22.48
C PRO B 227 16.48 -9.04 21.85
N GLU B 228 15.48 -8.40 22.44
CA GLU B 228 14.11 -8.49 21.91
C GLU B 228 14.01 -7.92 20.49
N SER B 229 14.90 -7.03 20.06
CA SER B 229 14.79 -6.53 18.70
C SER B 229 15.43 -7.48 17.66
N THR B 230 16.14 -8.51 18.13
CA THR B 230 16.76 -9.42 17.18
C THR B 230 16.37 -10.84 17.53
N PRO B 231 15.16 -11.33 17.23
CA PRO B 231 14.79 -12.73 17.36
C PRO B 231 15.78 -13.67 16.66
N PHE B 232 16.42 -13.29 15.54
CA PHE B 232 17.33 -14.16 14.80
C PHE B 232 18.56 -13.35 14.42
N SER B 233 19.48 -13.99 13.68
CA SER B 233 20.62 -13.32 13.10
C SER B 233 21.14 -14.24 11.99
N SER B 234 21.68 -13.70 10.91
CA SER B 234 22.22 -14.57 9.89
C SER B 234 23.50 -15.24 10.42
N ASP B 235 24.27 -14.55 11.28
CA ASP B 235 25.54 -15.08 11.77
C ASP B 235 25.37 -16.40 12.50
N LYS B 236 24.29 -16.53 13.29
CA LYS B 236 23.95 -17.74 14.01
C LYS B 236 23.81 -18.89 13.00
N ALA B 237 23.05 -18.59 11.95
CA ALA B 237 22.81 -19.56 10.90
C ALA B 237 24.11 -19.94 10.17
N VAL B 238 24.93 -18.98 9.76
CA VAL B 238 26.12 -19.24 8.98
C VAL B 238 27.09 -20.11 9.77
N LYS B 239 27.26 -19.73 11.03
CA LYS B 239 28.10 -20.44 11.97
C LYS B 239 27.59 -21.87 12.19
N ASP B 240 26.28 -22.06 12.38
CA ASP B 240 25.77 -23.40 12.53
C ASP B 240 25.93 -24.25 11.28
N TYR B 241 25.80 -23.64 10.09
CA TYR B 241 25.96 -24.35 8.84
C TYR B 241 27.39 -24.88 8.74
N ILE B 242 28.33 -24.00 9.04
CA ILE B 242 29.75 -24.35 8.95
C ILE B 242 30.06 -25.45 9.97
N LYS B 243 29.53 -25.35 11.20
CA LYS B 243 29.74 -26.40 12.18
C LYS B 243 29.18 -27.73 11.69
N ALA B 244 28.06 -27.66 10.97
CA ALA B 244 27.45 -28.87 10.47
C ALA B 244 28.21 -29.50 9.32
N GLY B 245 29.25 -28.84 8.82
CA GLY B 245 30.06 -29.37 7.73
C GLY B 245 29.78 -28.66 6.41
N VAL B 246 29.00 -27.56 6.36
CA VAL B 246 28.80 -26.92 5.07
C VAL B 246 29.94 -25.91 4.92
N PRO B 247 30.71 -25.98 3.81
CA PRO B 247 31.76 -25.03 3.46
C PRO B 247 31.25 -23.59 3.31
N ALA B 248 31.96 -22.64 3.91
CA ALA B 248 31.62 -21.22 3.87
C ALA B 248 31.45 -20.70 2.44
N ASN B 249 32.39 -21.08 1.56
CA ASN B 249 32.31 -20.62 0.19
C ASN B 249 31.17 -21.18 -0.66
N LYS B 250 30.39 -22.13 -0.13
CA LYS B 250 29.23 -22.65 -0.86
C LYS B 250 27.95 -22.00 -0.31
N ILE B 251 28.07 -21.07 0.64
CA ILE B 251 26.88 -20.47 1.21
C ILE B 251 26.77 -19.04 0.67
N VAL B 252 25.61 -18.75 0.10
CA VAL B 252 25.28 -17.45 -0.48
C VAL B 252 24.27 -16.76 0.44
N LEU B 253 24.59 -15.54 0.85
CA LEU B 253 23.81 -14.78 1.81
C LEU B 253 22.63 -14.10 1.13
N GLY B 254 21.45 -14.57 1.47
CA GLY B 254 20.24 -13.99 0.93
C GLY B 254 19.99 -12.63 1.58
N MET B 255 19.66 -11.63 0.79
CA MET B 255 19.39 -10.29 1.27
C MET B 255 18.05 -9.74 0.71
N PRO B 256 17.25 -9.02 1.52
CA PRO B 256 15.94 -8.50 1.11
C PRO B 256 16.02 -7.25 0.23
N LEU B 257 15.25 -7.15 -0.84
CA LEU B 257 15.18 -5.90 -1.57
C LEU B 257 13.83 -5.22 -1.30
N TYR B 258 13.37 -5.44 -0.08
CA TYR B 258 12.05 -4.99 0.37
C TYR B 258 12.17 -4.80 1.88
N GLY B 259 11.14 -4.23 2.49
CA GLY B 259 11.07 -4.01 3.92
C GLY B 259 9.72 -4.50 4.46
N ARG B 260 9.70 -4.88 5.73
CA ARG B 260 8.45 -5.22 6.38
C ARG B 260 8.18 -4.11 7.42
N ALA B 261 6.91 -3.72 7.47
CA ALA B 261 6.42 -2.64 8.29
C ALA B 261 5.64 -3.06 9.55
N PHE B 262 5.65 -2.21 10.58
CA PHE B 262 4.99 -2.43 11.85
C PHE B 262 4.32 -1.10 12.20
N ALA B 263 3.03 -1.17 12.52
CA ALA B 263 2.24 0.01 12.80
C ALA B 263 2.00 0.16 14.30
N SER B 264 1.62 1.39 14.71
CA SER B 264 1.31 1.72 16.10
C SER B 264 2.32 1.11 17.06
N THR B 265 3.58 1.51 16.82
CA THR B 265 4.72 0.97 17.56
C THR B 265 5.51 2.11 18.18
N ASP B 266 6.07 1.98 19.37
CA ASP B 266 6.99 3.01 19.79
C ASP B 266 8.40 2.94 19.19
N GLY B 267 8.75 1.85 18.50
CA GLY B 267 10.05 1.73 17.87
C GLY B 267 10.43 0.25 17.78
N ILE B 268 11.70 -0.03 17.45
CA ILE B 268 12.15 -1.42 17.27
C ILE B 268 12.12 -2.16 18.61
N GLY B 269 11.77 -3.45 18.51
CA GLY B 269 11.71 -4.29 19.69
C GLY B 269 10.53 -3.97 20.60
N THR B 270 9.50 -3.18 20.21
CA THR B 270 8.37 -2.98 21.09
C THR B 270 7.09 -3.57 20.46
N SER B 271 5.94 -3.62 21.16
CA SER B 271 4.72 -4.15 20.58
C SER B 271 4.19 -3.32 19.40
N PHE B 272 3.42 -3.91 18.51
CA PHE B 272 2.88 -3.15 17.39
C PHE B 272 1.51 -3.72 17.09
N ASN B 273 0.70 -3.03 16.31
CA ASN B 273 -0.61 -3.55 16.00
C ASN B 273 -0.88 -3.21 14.57
N GLY B 274 -0.95 -4.23 13.72
CA GLY B 274 -1.15 -3.99 12.31
C GLY B 274 0.17 -3.63 11.63
N VAL B 275 0.09 -3.58 10.29
CA VAL B 275 1.27 -3.39 9.45
C VAL B 275 1.12 -2.28 8.41
N GLY B 276 -0.04 -1.61 8.37
CA GLY B 276 -0.25 -0.49 7.47
C GLY B 276 -0.30 -0.88 6.00
N GLY B 277 0.05 0.10 5.17
CA GLY B 277 -0.01 -0.08 3.73
C GLY B 277 1.14 -0.92 3.19
N GLY B 278 1.40 -0.77 1.89
CA GLY B 278 2.43 -1.53 1.23
C GLY B 278 2.49 -1.11 -0.21
N SER B 279 3.61 -1.44 -0.84
CA SER B 279 3.82 -1.12 -2.24
C SER B 279 2.85 -1.91 -3.13
N TRP B 280 2.63 -3.17 -2.80
CA TRP B 280 1.78 -4.04 -3.61
C TRP B 280 0.83 -4.79 -2.72
N GLU B 281 1.33 -5.22 -1.55
CA GLU B 281 0.50 -5.83 -0.53
C GLU B 281 0.88 -5.22 0.81
N ASN B 282 -0.11 -5.14 1.71
CA ASN B 282 0.06 -4.55 3.04
C ASN B 282 1.20 -5.17 3.86
N GLY B 283 1.89 -4.30 4.59
CA GLY B 283 3.01 -4.70 5.39
C GLY B 283 4.30 -4.85 4.61
N VAL B 284 4.32 -4.86 3.28
CA VAL B 284 5.57 -5.03 2.56
C VAL B 284 5.84 -3.85 1.63
N TRP B 285 7.05 -3.33 1.70
CA TRP B 285 7.45 -2.18 0.94
C TRP B 285 8.66 -2.51 0.05
N ASP B 286 8.65 -2.16 -1.23
CA ASP B 286 9.79 -2.26 -2.09
C ASP B 286 10.88 -1.29 -1.64
N TYR B 287 12.15 -1.72 -1.74
CA TYR B 287 13.29 -0.88 -1.36
C TYR B 287 13.27 0.43 -2.16
N LYS B 288 12.96 0.33 -3.44
CA LYS B 288 12.92 1.52 -4.30
C LYS B 288 11.83 2.55 -3.93
N ASP B 289 10.93 2.26 -2.99
CA ASP B 289 9.95 3.25 -2.56
C ASP B 289 10.40 3.90 -1.27
N MET B 290 11.62 3.60 -0.82
CA MET B 290 12.11 4.09 0.46
C MET B 290 13.03 5.28 0.22
N PRO B 291 13.25 6.19 1.16
CA PRO B 291 12.50 6.32 2.39
C PRO B 291 11.18 7.03 2.13
N GLN B 292 10.24 6.81 3.04
CA GLN B 292 8.93 7.42 3.02
C GLN B 292 9.05 8.81 3.58
N GLN B 293 8.29 9.73 3.00
CA GLN B 293 8.30 11.13 3.44
C GLN B 293 7.91 11.18 4.90
N GLY B 294 8.68 11.92 5.67
CA GLY B 294 8.39 12.05 7.09
C GLY B 294 8.97 10.92 7.94
N ALA B 295 9.55 9.86 7.38
CA ALA B 295 10.22 8.83 8.16
C ALA B 295 11.69 9.18 8.36
N GLN B 296 12.27 8.91 9.53
CA GLN B 296 13.70 9.12 9.76
C GLN B 296 14.39 7.75 9.72
N VAL B 297 15.57 7.68 9.11
CA VAL B 297 16.27 6.43 8.92
C VAL B 297 17.32 6.25 10.02
N THR B 298 17.38 5.07 10.60
CA THR B 298 18.31 4.76 11.67
C THR B 298 19.19 3.59 11.19
N GLU B 299 20.52 3.72 11.27
CA GLU B 299 21.44 2.68 10.80
C GLU B 299 22.30 2.16 11.94
N LEU B 300 22.08 0.90 12.25
CA LEU B 300 22.78 0.19 13.32
C LEU B 300 23.91 -0.64 12.66
N GLU B 301 24.96 0.08 12.34
CA GLU B 301 26.13 -0.44 11.66
C GLU B 301 26.77 -1.65 12.31
N ASP B 302 26.81 -1.71 13.64
CA ASP B 302 27.43 -2.83 14.32
C ASP B 302 26.65 -4.14 14.20
N ILE B 303 25.32 -4.14 14.28
CA ILE B 303 24.59 -5.38 14.08
C ILE B 303 24.18 -5.59 12.62
N ALA B 304 24.48 -4.56 11.82
CA ALA B 304 24.15 -4.45 10.41
C ALA B 304 22.64 -4.62 10.18
N ALA B 305 21.95 -3.55 10.55
CA ALA B 305 20.50 -3.47 10.42
C ALA B 305 20.12 -2.01 10.34
N SER B 306 19.00 -1.70 9.68
CA SER B 306 18.53 -0.33 9.49
C SER B 306 17.00 -0.35 9.42
N TYR B 307 16.40 0.77 9.76
CA TYR B 307 14.97 0.86 9.67
C TYR B 307 14.62 2.32 9.59
N SER B 308 13.41 2.58 9.11
CA SER B 308 12.88 3.93 9.18
C SER B 308 11.78 3.90 10.23
N TYR B 309 11.53 5.08 10.76
CA TYR B 309 10.46 5.26 11.71
C TYR B 309 9.90 6.67 11.52
N ASP B 310 8.57 6.68 11.47
CA ASP B 310 7.87 7.95 11.43
C ASP B 310 7.20 8.05 12.80
N LYS B 311 7.78 8.98 13.55
CA LYS B 311 7.38 9.40 14.90
C LYS B 311 5.90 9.75 14.96
N ASN B 312 5.42 10.48 13.95
CA ASN B 312 4.03 10.92 13.92
C ASN B 312 3.05 9.80 13.67
N LYS B 313 3.29 8.92 12.70
CA LYS B 313 2.38 7.81 12.47
C LYS B 313 2.70 6.66 13.44
N ARG B 314 3.87 6.69 14.11
CA ARG B 314 4.40 5.57 14.89
C ARG B 314 4.46 4.30 14.01
N TYR B 315 5.07 4.52 12.82
CA TYR B 315 5.19 3.46 11.81
C TYR B 315 6.69 3.10 11.61
N LEU B 316 7.02 1.80 11.64
CA LEU B 316 8.40 1.30 11.56
C LEU B 316 8.54 0.47 10.29
N ILE B 317 9.59 0.68 9.49
CA ILE B 317 9.85 -0.20 8.36
C ILE B 317 11.28 -0.79 8.46
N SER B 318 11.41 -2.10 8.67
CA SER B 318 12.70 -2.77 8.70
C SER B 318 13.14 -3.05 7.27
N TYR B 319 14.17 -2.40 6.77
CA TYR B 319 14.72 -2.62 5.43
C TYR B 319 16.19 -2.15 5.45
N ASP B 320 16.99 -2.57 4.48
CA ASP B 320 18.41 -2.25 4.37
C ASP B 320 18.67 -1.04 3.46
N THR B 321 19.56 -0.18 3.96
CA THR B 321 20.07 0.96 3.20
C THR B 321 21.40 0.57 2.54
N VAL B 322 21.96 1.42 1.69
CA VAL B 322 23.25 1.14 1.04
C VAL B 322 24.37 0.88 2.07
N LYS B 323 24.37 1.63 3.19
CA LYS B 323 25.37 1.49 4.25
C LYS B 323 25.39 0.04 4.77
N ILE B 324 24.17 -0.43 5.09
CA ILE B 324 24.02 -1.74 5.66
C ILE B 324 24.35 -2.82 4.67
N ALA B 325 24.05 -2.59 3.38
CA ALA B 325 24.38 -3.56 2.36
C ALA B 325 25.91 -3.72 2.27
N GLY B 326 26.66 -2.60 2.31
CA GLY B 326 28.12 -2.65 2.30
C GLY B 326 28.63 -3.43 3.52
N LYS B 327 27.96 -3.27 4.66
CA LYS B 327 28.27 -4.07 5.84
C LYS B 327 28.04 -5.56 5.62
N LYS B 328 27.01 -5.95 4.89
CA LYS B 328 26.77 -7.38 4.66
C LYS B 328 27.82 -7.88 3.68
N ALA B 329 28.21 -7.03 2.71
CA ALA B 329 29.30 -7.34 1.78
C ALA B 329 30.57 -7.64 2.60
N GLU B 330 30.86 -6.79 3.60
CA GLU B 330 31.97 -6.97 4.53
C GLU B 330 31.98 -8.34 5.13
N TYR B 331 30.79 -8.69 5.58
CA TYR B 331 30.61 -9.97 6.22
C TYR B 331 30.89 -11.13 5.24
N ILE B 332 30.37 -11.07 3.99
CA ILE B 332 30.58 -12.10 2.99
C ILE B 332 32.08 -12.31 2.75
N THR B 333 32.77 -11.20 2.55
CA THR B 333 34.18 -11.14 2.29
C THR B 333 35.02 -11.69 3.45
N LYS B 334 34.82 -11.13 4.64
CA LYS B 334 35.54 -11.52 5.84
C LYS B 334 35.47 -13.01 6.10
N ASN B 335 34.27 -13.56 5.94
CA ASN B 335 34.07 -14.96 6.29
C ASN B 335 34.15 -15.88 5.09
N GLY B 336 34.71 -15.40 3.98
CA GLY B 336 34.88 -16.20 2.76
C GLY B 336 33.64 -16.99 2.31
N MET B 337 32.52 -16.27 2.29
CA MET B 337 31.26 -16.90 1.92
C MET B 337 31.14 -16.98 0.41
N GLY B 338 30.20 -17.75 -0.13
CA GLY B 338 30.01 -17.89 -1.56
C GLY B 338 29.43 -16.69 -2.31
N GLY B 339 28.87 -15.68 -1.67
CA GLY B 339 28.36 -14.52 -2.40
C GLY B 339 27.07 -13.98 -1.80
N GLY B 340 26.34 -13.22 -2.62
CA GLY B 340 25.09 -12.59 -2.22
C GLY B 340 23.96 -13.00 -3.16
N MET B 341 22.76 -13.13 -2.59
CA MET B 341 21.54 -13.49 -3.31
C MET B 341 20.50 -12.44 -2.92
N TRP B 342 19.58 -12.04 -3.79
CA TRP B 342 18.53 -11.11 -3.41
C TRP B 342 17.17 -11.56 -3.93
N TRP B 343 16.18 -11.27 -3.10
CA TRP B 343 14.76 -11.41 -3.42
C TRP B 343 14.14 -10.01 -3.29
N GLU B 344 13.74 -9.39 -4.39
CA GLU B 344 13.84 -9.98 -5.73
C GLU B 344 14.08 -8.87 -6.73
N SER B 345 14.37 -9.14 -7.99
CA SER B 345 14.85 -8.11 -8.90
C SER B 345 14.01 -6.89 -9.24
N SER B 346 12.69 -6.83 -9.01
CA SER B 346 11.90 -5.68 -9.41
C SER B 346 12.08 -4.48 -8.52
N SER B 347 12.42 -4.72 -7.25
CA SER B 347 12.40 -3.67 -6.25
C SER B 347 13.67 -2.94 -5.83
N ASP B 348 14.77 -3.18 -6.52
CA ASP B 348 15.98 -2.47 -6.19
C ASP B 348 15.96 -1.11 -6.86
N LYS B 349 16.70 -0.14 -6.32
CA LYS B 349 16.91 1.11 -7.02
C LYS B 349 17.99 0.88 -8.07
N THR B 350 18.06 1.82 -8.99
CA THR B 350 19.09 1.83 -10.02
C THR B 350 20.25 2.70 -9.52
N GLY B 351 21.31 2.84 -10.32
CA GLY B 351 22.45 3.71 -10.05
C GLY B 351 23.08 3.51 -8.68
N ASN B 352 23.80 4.53 -8.19
CA ASN B 352 24.46 4.45 -6.90
C ASN B 352 23.60 4.14 -5.68
N GLU B 353 22.28 4.00 -5.80
CA GLU B 353 21.45 3.70 -4.65
C GLU B 353 21.06 2.23 -4.63
N SER B 354 21.45 1.49 -5.67
CA SER B 354 21.18 0.09 -5.79
C SER B 354 21.89 -0.69 -4.69
N LEU B 355 21.14 -1.53 -4.00
CA LEU B 355 21.73 -2.42 -3.01
C LEU B 355 22.60 -3.51 -3.66
N VAL B 356 22.19 -4.01 -4.84
CA VAL B 356 22.95 -5.02 -5.56
C VAL B 356 24.32 -4.44 -6.00
N GLY B 357 24.32 -3.31 -6.73
CA GLY B 357 25.55 -2.62 -7.08
C GLY B 357 26.48 -2.38 -5.88
N THR B 358 25.92 -1.92 -4.74
CA THR B 358 26.68 -1.69 -3.52
C THR B 358 27.38 -2.97 -3.07
N VAL B 359 26.69 -4.11 -3.09
CA VAL B 359 27.30 -5.34 -2.63
C VAL B 359 28.36 -5.84 -3.61
N VAL B 360 28.09 -5.80 -4.92
CA VAL B 360 29.04 -6.26 -5.92
C VAL B 360 30.31 -5.43 -5.82
N ASN B 361 30.18 -4.08 -5.81
CA ASN B 361 31.37 -3.25 -5.65
C ASN B 361 32.04 -3.55 -4.31
N GLY B 362 31.31 -3.74 -3.21
CA GLY B 362 31.88 -4.11 -1.92
C GLY B 362 32.54 -5.50 -1.96
N LEU B 363 32.22 -6.33 -2.95
CA LEU B 363 32.88 -7.59 -3.16
C LEU B 363 34.10 -7.41 -4.08
N GLY B 364 34.52 -6.19 -4.39
CA GLY B 364 35.65 -5.96 -5.27
C GLY B 364 35.22 -5.81 -6.72
N GLY B 365 33.91 -5.91 -7.00
CA GLY B 365 33.41 -5.68 -8.34
C GLY B 365 33.22 -6.95 -9.17
N THR B 366 32.73 -6.70 -10.40
CA THR B 366 32.43 -7.72 -11.38
C THR B 366 33.61 -8.65 -11.69
N GLY B 367 34.84 -8.14 -11.70
CA GLY B 367 36.02 -8.97 -11.87
C GLY B 367 36.16 -9.99 -10.71
N LYS B 368 35.65 -9.73 -9.52
CA LYS B 368 35.78 -10.71 -8.47
C LYS B 368 34.61 -11.69 -8.43
N LEU B 369 33.75 -11.63 -9.44
CA LEU B 369 32.67 -12.59 -9.48
C LEU B 369 33.19 -13.90 -10.07
N GLU B 370 32.58 -15.02 -9.70
CA GLU B 370 32.92 -16.33 -10.21
C GLU B 370 32.72 -16.32 -11.74
N GLN B 371 33.74 -16.79 -12.46
CA GLN B 371 33.71 -16.81 -13.89
C GLN B 371 33.49 -18.26 -14.24
N ARG B 372 32.33 -18.55 -14.81
CA ARG B 372 32.00 -19.90 -15.21
C ARG B 372 31.07 -19.70 -16.38
N GLU B 373 31.44 -20.27 -17.50
CA GLU B 373 30.66 -20.08 -18.70
C GLU B 373 29.32 -20.85 -18.64
N ASN B 374 28.27 -20.16 -19.07
CA ASN B 374 26.95 -20.74 -19.18
C ASN B 374 26.86 -21.65 -20.42
N GLU B 375 25.72 -22.35 -20.56
CA GLU B 375 25.46 -23.25 -21.63
C GLU B 375 24.48 -22.63 -22.62
N LEU B 376 24.86 -22.60 -23.91
CA LEU B 376 23.99 -22.12 -24.95
C LEU B 376 23.47 -23.25 -25.84
N SER B 377 23.92 -24.50 -25.67
CA SER B 377 23.54 -25.51 -26.63
C SER B 377 22.50 -26.34 -25.97
N TYR B 378 21.33 -26.47 -26.61
CA TYR B 378 20.27 -27.31 -26.06
C TYR B 378 19.72 -28.12 -27.23
N PRO B 379 20.54 -29.07 -27.76
CA PRO B 379 20.18 -29.89 -28.91
C PRO B 379 18.91 -30.71 -28.75
N GLU B 380 18.53 -31.11 -27.55
CA GLU B 380 17.33 -31.93 -27.33
C GLU B 380 16.09 -31.08 -27.07
N SER B 381 16.19 -29.75 -27.16
CA SER B 381 15.00 -28.95 -26.96
C SER B 381 14.00 -29.21 -28.09
N VAL B 382 12.79 -29.28 -27.56
CA VAL B 382 11.57 -29.34 -28.34
C VAL B 382 11.34 -28.03 -29.09
N TYR B 383 12.00 -26.95 -28.69
CA TYR B 383 11.78 -25.63 -29.29
C TYR B 383 12.83 -25.27 -30.31
N ASP B 384 12.34 -25.05 -31.54
CA ASP B 384 13.16 -24.76 -32.70
C ASP B 384 14.01 -23.55 -32.54
N ASN B 385 13.41 -22.39 -32.28
CA ASN B 385 14.15 -21.15 -32.10
C ASN B 385 15.19 -21.29 -30.96
N LEU B 386 14.91 -21.93 -29.83
CA LEU B 386 15.92 -22.10 -28.80
C LEU B 386 17.05 -23.04 -29.24
N LYS B 387 16.79 -24.24 -29.79
CA LYS B 387 17.91 -25.12 -30.15
C LYS B 387 18.72 -24.50 -31.27
N ASN B 388 18.13 -23.59 -32.07
CA ASN B 388 18.93 -22.88 -33.01
C ASN B 388 19.62 -21.66 -32.45
N GLY B 389 19.64 -21.46 -31.13
CA GLY B 389 20.33 -20.33 -30.49
C GLY B 389 19.63 -18.99 -30.60
N MET B 390 18.31 -18.99 -30.85
CA MET B 390 17.48 -17.79 -31.05
C MET B 390 18.05 -16.89 -32.14
N PRO B 391 18.07 -17.38 -33.40
CA PRO B 391 18.53 -16.60 -34.55
C PRO B 391 17.53 -15.52 -34.88
N SER B 392 16.27 -15.96 -34.99
CA SER B 392 15.11 -15.16 -35.26
C SER B 392 15.16 -14.49 -36.63
#